data_4BBM
#
_entry.id   4BBM
#
_cell.length_a   31.583
_cell.length_b   68.047
_cell.length_c   82.343
_cell.angle_alpha   71.53
_cell.angle_beta   89.92
_cell.angle_gamma   88.97
#
_symmetry.space_group_name_H-M   'P 1'
#
loop_
_entity.id
_entity.type
_entity.pdbx_description
1 polymer 'CYCLIN-DEPENDENT KINASE-LIKE 2'
2 non-polymer "4'-[5-[[3-[(CYCLOPROPYLAMINO)METHYL]PHENYL]AMINO]-1H-PYRAZOL-3-YL]-[1,1'-BIPHENYL]-2,4-DIOL"
3 non-polymer 'CHLORIDE ION'
4 non-polymer 1,2-ETHANEDIOL
5 water water
#
_entity_poly.entity_id   1
_entity_poly.type   'polypeptide(L)'
_entity_poly.pdbx_seq_one_letter_code
;MGHHHHHHSSGVDLGTENLYFQSMEKYENLGLVGEGSYGMVMKCRNKDTGRIVAIKKFLESDDDKMVKKIAMREIKLLKQ
LRHENLVNLLEVCKKKKRWYLVFEFVDHTILDDLELFPNGLDYQVVQKYLFQIINGIGFCHSHNIIHRDIKPENILVSQS
GVVKLCDFGFARTLAAPGEVYDDEVATRWYRAPELLVGDVKYGKAVDVWAIGCLVTEMFMGEPLFPGDSDIDQLYHIMMC
LGNLIPRHQELFNKNPVFAGVRLPEIKEREPLERRYPKLSEVVIDLAKKCLHIDPDKRPFCAELLHHDFFQMDGFAERFS
QELQLKVQKDA
;
_entity_poly.pdbx_strand_id   A,B
#
loop_
_chem_comp.id
_chem_comp.type
_chem_comp.name
_chem_comp.formula
CL non-polymer 'CHLORIDE ION' 'Cl -1'
EDO non-polymer 1,2-ETHANEDIOL 'C2 H6 O2'
TC0 non-polymer 4'-[5-[[3-[(CYCLOPROPYLAMINO)METHYL]PHENYL]AMINO]-1H-PYRAZOL-3-YL]-[1,1'-BIPHENYL]-2,4-DIOL 'C25 H24 N4 O2'
#
# COMPACT_ATOMS: atom_id res chain seq x y z
N THR A 16 -42.71 -12.21 0.14
CA THR A 16 -41.27 -12.41 -0.21
C THR A 16 -40.36 -12.07 0.96
N GLU A 17 -39.06 -12.31 0.77
CA GLU A 17 -38.05 -11.96 1.78
C GLU A 17 -38.18 -10.49 2.23
N ASN A 18 -38.81 -9.64 1.42
CA ASN A 18 -39.10 -8.25 1.81
C ASN A 18 -40.41 -8.05 2.60
N LEU A 19 -41.41 -8.90 2.38
CA LEU A 19 -42.76 -8.66 2.92
C LEU A 19 -43.01 -9.25 4.32
N TYR A 20 -42.73 -10.54 4.49
CA TYR A 20 -43.18 -11.27 5.68
C TYR A 20 -42.05 -11.99 6.40
N PHE A 21 -42.28 -12.28 7.68
CA PHE A 21 -41.36 -13.11 8.47
C PHE A 21 -41.19 -14.49 7.85
N GLN A 22 -39.94 -14.94 7.76
CA GLN A 22 -39.62 -16.22 7.13
C GLN A 22 -39.34 -17.27 8.21
N SER A 23 -39.16 -18.52 7.81
CA SER A 23 -38.95 -19.59 8.79
C SER A 23 -37.47 -19.97 8.88
N MET A 24 -37.09 -20.48 10.05
CA MET A 24 -35.70 -20.84 10.32
C MET A 24 -35.41 -22.32 10.00
N GLU A 25 -36.41 -23.06 9.56
CA GLU A 25 -36.24 -24.49 9.29
C GLU A 25 -35.11 -24.77 8.30
N LYS A 26 -34.99 -23.93 7.27
CA LYS A 26 -33.97 -24.08 6.22
C LYS A 26 -32.51 -23.80 6.65
N TYR A 27 -32.29 -23.43 7.91
CA TYR A 27 -30.96 -23.04 8.36
C TYR A 27 -30.30 -24.07 9.30
N GLU A 28 -28.99 -24.21 9.18
CA GLU A 28 -28.21 -25.06 10.09
C GLU A 28 -27.09 -24.27 10.73
N ASN A 29 -26.86 -24.51 12.03
CA ASN A 29 -25.85 -23.77 12.76
C ASN A 29 -24.43 -24.24 12.43
N LEU A 30 -23.50 -23.28 12.30
CA LEU A 30 -22.10 -23.58 12.00
C LEU A 30 -21.16 -22.73 12.88
N GLY A 31 -21.45 -22.67 14.17
CA GLY A 31 -20.57 -21.99 15.12
C GLY A 31 -20.74 -20.48 15.17
N LEU A 32 -20.47 -19.92 16.34
CA LEU A 32 -20.79 -18.52 16.64
C LEU A 32 -19.83 -17.59 15.90
N VAL A 33 -20.34 -16.77 14.98
CA VAL A 33 -19.49 -15.90 14.13
C VAL A 33 -18.69 -14.98 15.03
N GLY A 34 -17.47 -14.67 14.60
CA GLY A 34 -16.59 -13.75 15.29
C GLY A 34 -15.86 -14.46 16.40
N SER A 37 -17.28 -11.38 19.22
CA SER A 37 -17.10 -9.99 18.82
C SER A 37 -18.41 -9.25 18.67
N TYR A 38 -19.34 -9.88 17.96
CA TYR A 38 -20.58 -9.24 17.51
C TYR A 38 -21.80 -9.66 18.32
N GLY A 39 -21.57 -10.07 19.57
CA GLY A 39 -22.64 -10.57 20.41
C GLY A 39 -22.94 -12.01 20.03
N MET A 40 -24.21 -12.39 20.02
CA MET A 40 -24.56 -13.76 19.67
C MET A 40 -25.00 -13.75 18.23
N VAL A 41 -24.01 -13.79 17.32
CA VAL A 41 -24.24 -13.85 15.88
C VAL A 41 -23.79 -15.22 15.33
N MET A 42 -24.75 -16.00 14.85
CA MET A 42 -24.50 -17.36 14.40
C MET A 42 -24.18 -17.44 12.92
N LYS A 43 -23.18 -18.26 12.60
CA LYS A 43 -22.89 -18.59 11.22
C LYS A 43 -23.80 -19.76 10.87
N CYS A 44 -24.61 -19.60 9.82
CA CYS A 44 -25.51 -20.66 9.37
C CYS A 44 -25.37 -20.88 7.88
N ARG A 45 -25.94 -21.97 7.40
CA ARG A 45 -25.99 -22.26 5.96
C ARG A 45 -27.45 -22.44 5.55
N ASN A 46 -27.82 -21.85 4.42
CA ASN A 46 -29.13 -22.06 3.81
C ASN A 46 -29.15 -23.45 3.19
N LYS A 47 -29.98 -24.33 3.75
CA LYS A 47 -30.10 -25.70 3.25
C LYS A 47 -30.63 -25.74 1.81
N ASP A 48 -31.53 -24.83 1.48
CA ASP A 48 -32.13 -24.75 0.15
C ASP A 48 -31.19 -24.15 -0.93
N THR A 49 -30.48 -23.09 -0.58
CA THR A 49 -29.66 -22.33 -1.53
C THR A 49 -28.17 -22.65 -1.45
N GLY A 50 -27.71 -23.09 -0.29
CA GLY A 50 -26.26 -23.25 -0.05
C GLY A 50 -25.62 -21.98 0.47
N ARG A 51 -26.30 -20.86 0.33
CA ARG A 51 -25.79 -19.56 0.75
C ARG A 51 -25.44 -19.56 2.23
N ILE A 52 -24.25 -19.06 2.56
CA ILE A 52 -23.80 -18.98 3.94
C ILE A 52 -24.24 -17.62 4.50
N VAL A 53 -24.82 -17.64 5.69
CA VAL A 53 -25.44 -16.43 6.26
C VAL A 53 -24.97 -16.19 7.69
N ALA A 54 -25.33 -15.02 8.22
CA ALA A 54 -24.98 -14.65 9.59
C ALA A 54 -26.23 -14.19 10.33
N ILE A 55 -26.67 -15.00 11.31
CA ILE A 55 -27.93 -14.76 12.02
C ILE A 55 -27.70 -14.22 13.44
N LYS A 56 -28.35 -13.10 13.75
CA LYS A 56 -28.34 -12.49 15.08
C LYS A 56 -29.71 -12.62 15.71
N LYS A 57 -29.75 -12.82 17.03
CA LYS A 57 -31.00 -12.87 17.78
C LYS A 57 -31.39 -11.44 18.15
N PHE A 58 -32.58 -11.01 17.73
CA PHE A 58 -32.95 -9.59 17.82
C PHE A 58 -33.91 -9.31 18.96
N LEU A 59 -34.99 -10.08 19.03
CA LEU A 59 -35.97 -9.96 20.11
C LEU A 59 -36.10 -11.26 20.89
N GLU A 60 -36.12 -11.13 22.22
CA GLU A 60 -36.40 -12.25 23.10
C GLU A 60 -37.89 -12.58 23.04
N SER A 61 -38.72 -11.59 23.35
CA SER A 61 -40.17 -11.79 23.47
C SER A 61 -40.96 -10.84 22.58
N ASP A 62 -41.82 -11.40 21.73
CA ASP A 62 -42.75 -10.60 20.92
C ASP A 62 -43.90 -10.03 21.77
N ASP A 63 -44.27 -10.75 22.84
CA ASP A 63 -45.41 -10.41 23.71
C ASP A 63 -45.62 -8.89 23.96
N ASP A 64 -44.60 -8.22 24.49
CA ASP A 64 -44.72 -6.79 24.78
C ASP A 64 -45.13 -6.06 23.50
N LYS A 65 -46.37 -5.56 23.49
CA LYS A 65 -46.97 -4.99 22.28
C LYS A 65 -46.24 -3.76 21.78
N MET A 66 -45.84 -2.90 22.71
CA MET A 66 -45.11 -1.67 22.39
C MET A 66 -43.68 -1.99 21.95
N VAL A 67 -43.11 -3.05 22.53
CA VAL A 67 -41.75 -3.45 22.19
C VAL A 67 -41.71 -3.85 20.72
N LYS A 68 -42.51 -4.84 20.35
CA LYS A 68 -42.68 -5.26 18.95
C LYS A 68 -42.84 -4.05 18.04
N LYS A 69 -43.69 -3.11 18.45
CA LYS A 69 -43.90 -1.86 17.72
C LYS A 69 -42.58 -1.19 17.36
N ILE A 70 -41.67 -1.11 18.33
CA ILE A 70 -40.38 -0.43 18.15
C ILE A 70 -39.38 -1.28 17.35
N ALA A 71 -39.51 -2.61 17.44
CA ALA A 71 -38.64 -3.52 16.69
C ALA A 71 -38.91 -3.41 15.19
N MET A 72 -40.19 -3.39 14.82
CA MET A 72 -40.59 -3.17 13.42
C MET A 72 -40.02 -1.85 12.92
N ARG A 73 -39.96 -0.84 13.81
CA ARG A 73 -39.33 0.43 13.42
C ARG A 73 -37.86 0.25 13.06
N GLU A 74 -37.14 -0.60 13.80
CA GLU A 74 -35.73 -0.85 13.53
C GLU A 74 -35.54 -1.69 12.27
N ILE A 75 -36.36 -2.74 12.12
CA ILE A 75 -36.31 -3.61 10.95
C ILE A 75 -36.59 -2.84 9.66
N LYS A 76 -37.57 -1.94 9.71
CA LYS A 76 -37.94 -1.11 8.57
C LYS A 76 -36.76 -0.22 8.16
N LEU A 77 -36.00 0.23 9.15
CA LEU A 77 -34.84 1.08 8.91
C LEU A 77 -33.70 0.26 8.31
N LEU A 78 -33.46 -0.94 8.83
CA LEU A 78 -32.45 -1.81 8.22
C LEU A 78 -32.75 -2.01 6.74
N LYS A 79 -33.98 -2.41 6.43
CA LYS A 79 -34.38 -2.64 5.03
C LYS A 79 -34.22 -1.41 4.11
N GLN A 80 -34.14 -0.21 4.70
CA GLN A 80 -33.87 1.04 3.95
C GLN A 80 -32.38 1.43 3.91
N LEU A 81 -31.55 0.74 4.67
CA LEU A 81 -30.12 1.00 4.70
C LEU A 81 -29.39 0.01 3.76
N ARG A 82 -29.84 -0.05 2.52
CA ARG A 82 -29.28 -0.97 1.53
C ARG A 82 -28.20 -0.26 0.72
N HIS A 83 -26.95 -0.72 0.87
CA HIS A 83 -25.80 -0.05 0.27
C HIS A 83 -24.67 -1.04 0.01
N GLU A 84 -23.91 -0.82 -1.07
CA GLU A 84 -22.77 -1.68 -1.45
C GLU A 84 -21.71 -1.86 -0.33
N ASN A 85 -21.53 -0.84 0.50
CA ASN A 85 -20.54 -0.88 1.57
C ASN A 85 -21.10 -1.11 2.98
N LEU A 86 -22.28 -1.73 3.04
CA LEU A 86 -22.93 -2.09 4.29
C LEU A 86 -23.32 -3.55 4.17
N VAL A 87 -23.22 -4.32 5.26
CA VAL A 87 -23.79 -5.68 5.23
C VAL A 87 -25.30 -5.61 5.00
N ASN A 88 -25.79 -6.47 4.12
CA ASN A 88 -27.19 -6.48 3.71
C ASN A 88 -27.96 -7.31 4.71
N LEU A 89 -29.08 -6.78 5.21
CA LEU A 89 -30.09 -7.62 5.86
C LEU A 89 -30.83 -8.34 4.75
N LEU A 90 -30.84 -9.67 4.81
CA LEU A 90 -31.47 -10.50 3.80
C LEU A 90 -32.93 -10.71 4.16
N GLU A 91 -33.17 -11.25 5.35
CA GLU A 91 -34.52 -11.55 5.76
C GLU A 91 -34.66 -11.57 7.27
N VAL A 92 -35.91 -11.51 7.72
CA VAL A 92 -36.25 -11.63 9.14
C VAL A 92 -37.08 -12.88 9.35
N CYS A 93 -36.72 -13.65 10.36
CA CYS A 93 -37.40 -14.88 10.70
C CYS A 93 -37.93 -14.84 12.13
N LYS A 94 -38.94 -15.65 12.39
CA LYS A 94 -39.48 -15.85 13.73
C LYS A 94 -39.49 -17.34 14.07
N LYS A 95 -39.15 -17.66 15.31
CA LYS A 95 -39.30 -19.01 15.85
C LYS A 95 -39.78 -18.86 17.28
N LYS A 96 -40.97 -19.39 17.57
CA LYS A 96 -41.63 -19.19 18.85
C LYS A 96 -41.82 -17.69 19.10
N LYS A 97 -41.23 -17.15 20.17
CA LYS A 97 -41.41 -15.75 20.55
C LYS A 97 -40.18 -14.90 20.21
N ARG A 98 -39.19 -15.52 19.56
CA ARG A 98 -37.93 -14.86 19.26
C ARG A 98 -37.83 -14.50 17.77
N TRP A 99 -37.32 -13.30 17.51
CA TRP A 99 -37.10 -12.78 16.15
C TRP A 99 -35.62 -12.83 15.81
N TYR A 100 -35.29 -13.22 14.58
CA TYR A 100 -33.91 -13.33 14.13
C TYR A 100 -33.65 -12.58 12.83
N LEU A 101 -32.71 -11.64 12.88
CA LEU A 101 -32.26 -10.93 11.69
C LEU A 101 -31.24 -11.79 10.94
N VAL A 102 -31.35 -11.85 9.62
CA VAL A 102 -30.45 -12.64 8.80
C VAL A 102 -29.62 -11.73 7.89
N PHE A 103 -28.31 -11.70 8.11
CA PHE A 103 -27.42 -10.85 7.34
C PHE A 103 -26.54 -11.71 6.44
N GLU A 104 -25.96 -11.08 5.42
CA GLU A 104 -25.00 -11.78 4.56
C GLU A 104 -23.69 -12.13 5.32
N PHE A 105 -23.04 -13.22 4.89
CA PHE A 105 -21.76 -13.66 5.45
C PHE A 105 -20.59 -13.27 4.53
N VAL A 106 -19.71 -12.38 5.02
CA VAL A 106 -18.60 -11.81 4.25
C VAL A 106 -17.30 -12.52 4.63
N ASP A 107 -16.41 -12.67 3.65
CA ASP A 107 -15.21 -13.53 3.78
C ASP A 107 -14.33 -13.28 5.02
N HIS A 108 -13.94 -12.02 5.30
CA HIS A 108 -13.03 -11.77 6.42
C HIS A 108 -13.12 -10.30 6.89
N THR A 109 -12.24 -9.87 7.79
CA THR A 109 -12.27 -8.48 8.34
C THR A 109 -11.00 -7.69 8.00
N ILE A 110 -11.03 -6.39 8.23
CA ILE A 110 -9.83 -5.59 8.04
C ILE A 110 -8.76 -6.03 9.05
N LEU A 111 -9.18 -6.40 10.27
CA LEU A 111 -8.23 -6.83 11.30
C LEU A 111 -7.45 -8.05 10.85
N ASP A 112 -8.14 -9.01 10.22
CA ASP A 112 -7.47 -10.16 9.64
C ASP A 112 -6.37 -9.74 8.66
N ASP A 113 -6.64 -8.78 7.78
CA ASP A 113 -5.59 -8.32 6.85
C ASP A 113 -4.45 -7.62 7.60
N LEU A 114 -4.79 -6.88 8.64
CA LEU A 114 -3.76 -6.17 9.43
C LEU A 114 -2.83 -7.14 10.16
N GLU A 115 -3.33 -8.32 10.53
CA GLU A 115 -2.52 -9.33 11.20
C GLU A 115 -1.63 -10.12 10.24
N LEU A 116 -2.06 -10.27 8.98
CA LEU A 116 -1.18 -10.86 7.96
C LEU A 116 -0.05 -9.93 7.57
N PHE A 117 -0.30 -8.62 7.63
CA PHE A 117 0.64 -7.57 7.20
C PHE A 117 1.08 -6.70 8.38
N PRO A 118 1.96 -7.22 9.26
CA PRO A 118 2.51 -6.44 10.38
C PRO A 118 3.15 -5.06 10.11
N ASN A 119 3.62 -4.78 8.90
CA ASN A 119 4.21 -3.46 8.58
C ASN A 119 3.22 -2.47 7.95
N GLY A 120 1.93 -2.82 7.94
CA GLY A 120 0.93 -1.97 7.32
C GLY A 120 0.56 -2.48 5.94
N LEU A 121 -0.46 -1.88 5.35
CA LEU A 121 -0.96 -2.30 4.05
C LEU A 121 -0.32 -1.46 2.93
N ASP A 122 -0.25 -2.01 1.73
CA ASP A 122 0.20 -1.23 0.57
C ASP A 122 -0.70 0.01 0.36
N TYR A 123 -0.09 1.08 -0.15
CA TYR A 123 -0.71 2.39 -0.27
C TYR A 123 -2.07 2.34 -1.00
N GLN A 124 -2.12 1.57 -2.08
CA GLN A 124 -3.32 1.46 -2.89
C GLN A 124 -4.40 0.64 -2.16
N VAL A 125 -4.00 -0.33 -1.34
CA VAL A 125 -4.98 -1.08 -0.56
C VAL A 125 -5.59 -0.15 0.52
N VAL A 126 -4.77 0.73 1.08
CA VAL A 126 -5.30 1.67 2.04
C VAL A 126 -6.28 2.61 1.34
N GLN A 127 -5.97 3.08 0.13
CA GLN A 127 -6.88 3.99 -0.60
C GLN A 127 -8.25 3.29 -0.85
N LYS A 128 -8.19 2.04 -1.24
CA LYS A 128 -9.40 1.31 -1.60
C LYS A 128 -10.28 0.98 -0.39
N TYR A 129 -9.65 0.53 0.69
CA TYR A 129 -10.37 0.27 1.96
C TYR A 129 -10.93 1.55 2.58
N LEU A 130 -10.11 2.59 2.69
CA LEU A 130 -10.59 3.83 3.26
C LEU A 130 -11.74 4.48 2.49
N PHE A 131 -11.66 4.46 1.17
CA PHE A 131 -12.64 5.10 0.28
C PHE A 131 -14.00 4.48 0.51
N GLN A 132 -13.99 3.14 0.58
CA GLN A 132 -15.20 2.39 0.85
C GLN A 132 -15.78 2.60 2.24
N ILE A 133 -14.90 2.71 3.25
CA ILE A 133 -15.36 2.93 4.63
C ILE A 133 -16.06 4.30 4.69
N ILE A 134 -15.38 5.33 4.17
CA ILE A 134 -15.96 6.68 4.16
C ILE A 134 -17.29 6.69 3.36
N ASN A 135 -17.33 5.97 2.25
CA ASN A 135 -18.54 5.89 1.48
C ASN A 135 -19.72 5.27 2.29
N GLY A 136 -19.45 4.14 2.97
CA GLY A 136 -20.48 3.44 3.74
C GLY A 136 -20.97 4.26 4.93
N ILE A 137 -20.04 4.99 5.55
CA ILE A 137 -20.38 5.80 6.70
C ILE A 137 -21.19 6.98 6.25
N GLY A 138 -20.77 7.60 5.14
CA GLY A 138 -21.50 8.74 4.55
C GLY A 138 -22.95 8.45 4.28
N PHE A 139 -23.21 7.27 3.74
CA PHE A 139 -24.57 6.78 3.53
C PHE A 139 -25.36 6.68 4.85
N CYS A 140 -24.73 6.14 5.89
CA CYS A 140 -25.36 6.10 7.21
C CYS A 140 -25.81 7.50 7.64
N HIS A 141 -24.86 8.44 7.58
CA HIS A 141 -25.12 9.83 8.02
C HIS A 141 -26.30 10.47 7.28
N SER A 142 -26.39 10.20 5.98
CA SER A 142 -27.46 10.76 5.15
C SER A 142 -28.82 10.11 5.46
N HIS A 143 -28.81 9.00 6.18
CA HIS A 143 -30.03 8.36 6.68
C HIS A 143 -30.17 8.56 8.19
N ASN A 144 -29.55 9.63 8.69
CA ASN A 144 -29.56 9.97 10.11
C ASN A 144 -29.04 8.89 11.09
N ILE A 145 -28.14 8.01 10.63
CA ILE A 145 -27.51 7.02 11.49
C ILE A 145 -26.03 7.36 11.78
N ILE A 146 -25.68 7.35 13.06
CA ILE A 146 -24.29 7.47 13.50
C ILE A 146 -23.86 6.04 13.82
N HIS A 147 -22.81 5.57 13.15
CA HIS A 147 -22.41 4.16 13.26
C HIS A 147 -21.95 3.80 14.68
N ARG A 148 -21.07 4.64 15.26
CA ARG A 148 -20.61 4.54 16.64
C ARG A 148 -19.78 3.28 17.04
N ASP A 149 -19.34 2.50 16.08
CA ASP A 149 -18.66 1.23 16.35
C ASP A 149 -17.60 0.91 15.30
N ILE A 150 -16.99 1.94 14.74
CA ILE A 150 -15.94 1.75 13.74
C ILE A 150 -14.66 1.24 14.42
N LYS A 151 -14.24 0.05 14.02
CA LYS A 151 -12.95 -0.49 14.36
C LYS A 151 -12.61 -1.61 13.38
N PRO A 152 -11.32 -1.99 13.29
CA PRO A 152 -10.96 -2.97 12.27
C PRO A 152 -11.79 -4.27 12.26
N GLU A 153 -12.13 -4.80 13.44
CA GLU A 153 -12.86 -6.09 13.53
C GLU A 153 -14.31 -5.95 13.05
N ASN A 154 -14.83 -4.72 13.05
CA ASN A 154 -16.20 -4.46 12.60
C ASN A 154 -16.32 -4.04 11.14
N ILE A 155 -15.24 -4.21 10.37
CA ILE A 155 -15.23 -3.86 8.97
C ILE A 155 -14.86 -5.12 8.18
N LEU A 156 -15.86 -5.64 7.44
CA LEU A 156 -15.72 -6.90 6.74
C LEU A 156 -15.21 -6.65 5.31
N VAL A 157 -14.53 -7.65 4.75
CA VAL A 157 -13.97 -7.54 3.40
C VAL A 157 -14.35 -8.79 2.61
N SER A 158 -14.95 -8.59 1.43
CA SER A 158 -15.27 -9.74 0.55
C SER A 158 -14.01 -10.28 -0.14
N GLN A 159 -14.12 -11.48 -0.70
CA GLN A 159 -13.05 -12.04 -1.51
C GLN A 159 -12.65 -11.14 -2.67
N SER A 160 -13.61 -10.37 -3.18
CA SER A 160 -13.36 -9.43 -4.26
C SER A 160 -12.90 -8.05 -3.76
N GLY A 161 -12.71 -7.89 -2.45
CA GLY A 161 -12.20 -6.63 -1.89
C GLY A 161 -13.29 -5.60 -1.64
N VAL A 162 -14.53 -6.04 -1.61
CA VAL A 162 -15.64 -5.16 -1.28
C VAL A 162 -15.81 -5.02 0.24
N VAL A 163 -15.60 -3.81 0.74
CA VAL A 163 -15.76 -3.55 2.14
C VAL A 163 -17.21 -3.44 2.56
N LYS A 164 -17.53 -4.01 3.72
CA LYS A 164 -18.87 -3.91 4.27
C LYS A 164 -18.86 -3.64 5.78
N LEU A 165 -19.52 -2.56 6.17
CA LEU A 165 -19.61 -2.19 7.57
C LEU A 165 -20.73 -3.00 8.22
N CYS A 166 -20.47 -3.60 9.39
CA CYS A 166 -21.54 -4.20 10.17
C CYS A 166 -21.72 -3.51 11.54
N ASP A 167 -22.77 -3.91 12.25
CA ASP A 167 -22.95 -3.59 13.67
C ASP A 167 -23.29 -2.11 13.96
N PHE A 168 -24.49 -1.70 13.58
CA PHE A 168 -24.93 -0.32 13.80
C PHE A 168 -26.41 -0.15 14.14
N GLY A 169 -26.81 -0.51 15.36
CA GLY A 169 -28.05 0.02 15.94
C GLY A 169 -29.06 -0.91 16.61
N PHE A 170 -29.38 -2.03 15.95
CA PHE A 170 -30.44 -2.93 16.40
C PHE A 170 -30.13 -3.57 17.76
N ALA A 171 -29.04 -4.33 17.82
CA ALA A 171 -28.63 -5.01 19.03
C ALA A 171 -28.27 -4.02 20.16
N ARG A 172 -27.71 -2.87 19.79
CA ARG A 172 -27.31 -1.85 20.76
C ARG A 172 -28.50 -1.26 21.56
N THR A 173 -29.66 -1.13 20.93
CA THR A 173 -30.84 -0.56 21.59
C THR A 173 -31.50 -1.49 22.60
N LEU A 174 -31.41 -2.79 22.35
CA LEU A 174 -32.01 -3.82 23.22
C LEU A 174 -31.02 -4.35 24.27
N ALA A 175 -29.92 -3.62 24.46
CA ALA A 175 -28.79 -4.10 25.23
C ALA A 175 -28.83 -3.68 26.71
N ALA A 176 -28.14 -4.45 27.54
CA ALA A 176 -28.01 -4.17 28.97
C ALA A 176 -27.14 -2.94 29.22
N PRO A 177 -27.24 -2.36 30.43
CA PRO A 177 -26.20 -1.41 30.85
C PRO A 177 -24.80 -2.05 30.78
N GLY A 178 -24.74 -3.36 31.01
CA GLY A 178 -23.49 -4.12 30.91
C GLY A 178 -22.98 -4.29 29.49
N GLU A 179 -23.89 -4.37 28.52
CA GLU A 179 -23.50 -4.49 27.12
C GLU A 179 -23.03 -3.13 26.59
N VAL A 180 -23.72 -2.07 26.99
CA VAL A 180 -23.23 -0.72 26.72
C VAL A 180 -21.81 -0.65 27.24
N TYR A 181 -21.59 -1.01 28.51
CA TYR A 181 -20.27 -0.94 29.11
C TYR A 181 -19.23 -1.80 28.36
N ASP A 182 -19.59 -3.03 28.00
CA ASP A 182 -18.68 -3.89 27.22
C ASP A 182 -18.32 -3.27 25.86
N ASP A 183 -19.30 -2.66 25.19
CA ASP A 183 -19.06 -2.00 23.90
C ASP A 183 -18.04 -0.85 24.01
N GLU A 184 -18.24 0.01 25.01
CA GLU A 184 -17.36 1.16 25.26
C GLU A 184 -15.91 0.70 25.51
N VAL A 185 -15.75 -0.38 26.26
CA VAL A 185 -14.42 -0.96 26.48
C VAL A 185 -13.82 -1.47 25.15
N ALA A 186 -14.59 -2.30 24.42
CA ALA A 186 -14.18 -2.85 23.12
C ALA A 186 -13.81 -1.82 22.04
N THR A 187 -14.44 -0.65 22.03
CA THR A 187 -14.15 0.38 21.03
C THR A 187 -13.26 1.50 21.58
N ARG A 188 -12.80 1.33 22.82
CA ARG A 188 -12.02 2.35 23.51
C ARG A 188 -11.01 3.07 22.63
N TRP A 189 -10.21 2.34 21.85
CA TRP A 189 -9.11 2.95 21.09
C TRP A 189 -9.56 3.89 19.98
N TYR A 190 -10.83 3.78 19.59
CA TYR A 190 -11.41 4.49 18.43
C TYR A 190 -12.47 5.52 18.83
N ARG A 191 -12.67 5.69 20.13
CA ARG A 191 -13.65 6.65 20.64
C ARG A 191 -13.12 8.08 20.69
N ALA A 192 -13.88 8.99 20.10
CA ALA A 192 -13.56 10.41 20.08
C ALA A 192 -13.62 11.04 21.46
N PRO A 193 -12.93 12.19 21.65
CA PRO A 193 -12.87 12.79 22.97
C PRO A 193 -14.22 13.10 23.59
N GLU A 194 -15.17 13.59 22.77
CA GLU A 194 -16.52 13.90 23.24
C GLU A 194 -17.22 12.72 23.89
N LEU A 195 -17.04 11.55 23.31
CA LEU A 195 -17.56 10.35 23.91
C LEU A 195 -16.85 10.06 25.24
N LEU A 196 -15.53 10.14 25.27
CA LEU A 196 -14.76 9.72 26.44
C LEU A 196 -15.13 10.55 27.69
N VAL A 197 -15.46 11.83 27.48
CA VAL A 197 -15.83 12.73 28.58
C VAL A 197 -17.30 12.61 29.00
N GLY A 198 -18.10 11.88 28.21
CA GLY A 198 -19.51 11.68 28.50
C GLY A 198 -20.51 12.58 27.80
N ASP A 199 -20.14 13.18 26.67
CA ASP A 199 -21.10 14.00 25.88
C ASP A 199 -22.17 13.05 25.28
N VAL A 200 -23.42 13.19 25.72
CA VAL A 200 -24.49 12.37 25.19
C VAL A 200 -25.12 13.00 23.94
N LYS A 201 -24.77 14.26 23.66
CA LYS A 201 -25.23 14.92 22.43
C LYS A 201 -24.14 14.92 21.35
N TYR A 202 -23.36 13.86 21.28
CA TYR A 202 -22.41 13.68 20.19
C TYR A 202 -23.15 13.66 18.86
N GLY A 203 -22.41 13.91 17.79
CA GLY A 203 -22.98 13.91 16.45
C GLY A 203 -22.27 12.91 15.53
N LYS A 204 -22.49 13.11 14.24
CA LYS A 204 -21.92 12.25 13.20
C LYS A 204 -20.40 12.28 13.17
N ALA A 205 -19.83 13.41 13.61
CA ALA A 205 -18.40 13.59 13.70
C ALA A 205 -17.59 12.54 14.51
N VAL A 206 -18.24 11.72 15.35
CA VAL A 206 -17.52 10.69 16.08
C VAL A 206 -17.04 9.58 15.14
N ASP A 207 -17.76 9.38 14.04
CA ASP A 207 -17.34 8.39 13.03
C ASP A 207 -16.14 8.90 12.23
N VAL A 208 -16.15 10.20 11.93
CA VAL A 208 -15.01 10.78 11.25
C VAL A 208 -13.73 10.59 12.09
N TRP A 209 -13.81 10.80 13.41
CA TRP A 209 -12.66 10.59 14.33
C TRP A 209 -12.16 9.15 14.20
N ALA A 210 -13.10 8.21 14.25
CA ALA A 210 -12.76 6.80 14.11
C ALA A 210 -12.04 6.48 12.79
N ILE A 211 -12.53 7.02 11.69
CA ILE A 211 -11.85 6.97 10.39
C ILE A 211 -10.44 7.55 10.51
N GLY A 212 -10.31 8.73 11.11
CA GLY A 212 -9.00 9.28 11.38
C GLY A 212 -8.07 8.24 12.01
N CYS A 213 -8.57 7.51 13.02
CA CYS A 213 -7.75 6.53 13.73
C CYS A 213 -7.27 5.42 12.80
N LEU A 214 -8.07 5.08 11.79
CA LEU A 214 -7.73 3.97 10.88
C LEU A 214 -6.64 4.37 9.87
N VAL A 215 -6.52 5.67 9.55
CA VAL A 215 -5.54 6.13 8.57
C VAL A 215 -4.11 5.69 8.91
N THR A 216 -3.60 6.05 10.09
CA THR A 216 -2.24 5.68 10.46
C THR A 216 -2.16 4.23 10.84
N GLU A 217 -3.24 3.67 11.39
CA GLU A 217 -3.19 2.25 11.72
C GLU A 217 -2.96 1.40 10.47
N MET A 218 -3.74 1.64 9.42
CA MET A 218 -3.62 0.86 8.17
C MET A 218 -2.27 1.03 7.48
N PHE A 219 -1.76 2.26 7.49
CA PHE A 219 -0.44 2.53 6.91
C PHE A 219 0.72 1.98 7.74
N MET A 220 0.63 2.09 9.07
CA MET A 220 1.81 1.80 9.91
C MET A 220 1.73 0.47 10.66
N GLY A 221 0.60 -0.21 10.60
CA GLY A 221 0.38 -1.42 11.39
C GLY A 221 0.57 -1.19 12.87
N GLU A 222 0.07 -0.07 13.36
CA GLU A 222 0.07 0.24 14.79
C GLU A 222 -1.21 0.97 15.14
N PRO A 223 -1.86 0.57 16.23
CA PRO A 223 -2.98 1.39 16.69
C PRO A 223 -2.47 2.79 17.05
N LEU A 224 -3.27 3.81 16.81
CA LEU A 224 -2.89 5.20 17.05
C LEU A 224 -2.85 5.58 18.54
N PHE A 225 -3.95 5.30 19.25
CA PHE A 225 -4.06 5.63 20.66
C PHE A 225 -4.56 4.40 21.43
N PRO A 226 -3.67 3.43 21.74
CA PRO A 226 -4.06 2.24 22.50
C PRO A 226 -3.99 2.38 24.04
N GLY A 227 -4.97 3.04 24.62
CA GLY A 227 -5.01 3.26 26.07
C GLY A 227 -5.59 2.09 26.87
N ASP A 228 -5.22 2.04 28.15
CA ASP A 228 -5.62 0.96 29.05
C ASP A 228 -6.90 1.24 29.85
N SER A 229 -7.42 2.47 29.73
CA SER A 229 -8.57 2.98 30.49
C SER A 229 -9.02 4.29 29.84
N ASP A 230 -10.17 4.83 30.25
CA ASP A 230 -10.69 6.05 29.60
C ASP A 230 -9.86 7.29 29.93
N ILE A 231 -9.38 7.40 31.16
CA ILE A 231 -8.43 8.48 31.50
C ILE A 231 -7.12 8.35 30.69
N ASP A 232 -6.62 7.13 30.56
CA ASP A 232 -5.41 6.89 29.80
C ASP A 232 -5.61 7.15 28.29
N GLN A 233 -6.78 6.79 27.77
CA GLN A 233 -7.16 7.16 26.41
C GLN A 233 -7.11 8.69 26.18
N LEU A 234 -7.70 9.45 27.08
CA LEU A 234 -7.63 10.91 27.00
C LEU A 234 -6.19 11.41 27.02
N TYR A 235 -5.39 10.84 27.91
CA TYR A 235 -3.97 11.16 27.98
C TYR A 235 -3.22 10.95 26.66
N HIS A 236 -3.44 9.79 26.01
CA HIS A 236 -2.82 9.51 24.71
C HIS A 236 -3.27 10.55 23.68
N ILE A 237 -4.57 10.85 23.66
CA ILE A 237 -5.13 11.81 22.71
C ILE A 237 -4.55 13.20 22.91
N MET A 238 -4.55 13.68 24.14
CA MET A 238 -4.05 15.03 24.45
C MET A 238 -2.54 15.19 24.26
N MET A 239 -1.77 14.13 24.55
CA MET A 239 -0.33 14.19 24.32
C MET A 239 -0.02 14.45 22.85
N CYS A 240 -0.84 13.92 21.96
CA CYS A 240 -0.67 14.10 20.53
C CYS A 240 -1.32 15.36 20.01
N LEU A 241 -2.51 15.67 20.52
CA LEU A 241 -3.39 16.65 19.90
C LEU A 241 -3.70 17.87 20.74
N GLY A 242 -3.17 17.93 21.96
CA GLY A 242 -3.35 19.09 22.83
C GLY A 242 -4.61 19.08 23.70
N ASN A 243 -4.98 20.24 24.19
CA ASN A 243 -6.07 20.36 25.15
C ASN A 243 -7.47 20.17 24.58
N LEU A 244 -8.37 19.64 25.41
CA LEU A 244 -9.77 19.48 25.04
C LEU A 244 -10.42 20.85 24.96
N ILE A 245 -11.50 20.98 24.19
CA ILE A 245 -12.25 22.24 24.14
C ILE A 245 -13.00 22.45 25.46
N PRO A 246 -13.32 23.72 25.81
CA PRO A 246 -13.94 23.97 27.11
C PRO A 246 -15.23 23.14 27.39
N ARG A 247 -16.11 23.02 26.42
CA ARG A 247 -17.33 22.20 26.57
C ARG A 247 -16.98 20.79 27.06
N HIS A 248 -15.90 20.21 26.53
CA HIS A 248 -15.44 18.88 26.93
C HIS A 248 -14.85 18.85 28.33
N GLN A 249 -14.14 19.92 28.70
CA GLN A 249 -13.62 20.02 30.04
C GLN A 249 -14.77 20.09 31.05
N GLU A 250 -15.84 20.84 30.71
CA GLU A 250 -16.96 20.99 31.62
C GLU A 250 -17.66 19.65 31.84
N LEU A 251 -17.92 18.90 30.77
CA LEU A 251 -18.53 17.58 30.90
C LEU A 251 -17.66 16.66 31.75
N PHE A 252 -16.34 16.70 31.56
CA PHE A 252 -15.42 15.83 32.32
C PHE A 252 -15.54 16.10 33.79
N ASN A 253 -15.60 17.39 34.15
CA ASN A 253 -15.63 17.80 35.52
C ASN A 253 -16.94 17.46 36.19
N LYS A 254 -18.01 17.30 35.41
CA LYS A 254 -19.35 17.00 35.96
C LYS A 254 -19.69 15.50 35.91
N ASN A 255 -18.81 14.71 35.31
CA ASN A 255 -19.07 13.29 35.07
C ASN A 255 -18.66 12.45 36.29
N PRO A 256 -19.63 11.76 36.92
CA PRO A 256 -19.30 10.95 38.11
C PRO A 256 -18.29 9.84 37.85
N VAL A 257 -18.19 9.36 36.60
CA VAL A 257 -17.17 8.39 36.16
C VAL A 257 -15.74 8.93 36.52
N PHE A 258 -15.56 10.24 36.47
CA PHE A 258 -14.24 10.84 36.66
C PHE A 258 -14.04 11.57 37.98
N ALA A 259 -14.92 11.37 38.96
CA ALA A 259 -14.76 11.98 40.27
C ALA A 259 -13.43 11.55 40.90
N GLY A 260 -12.68 12.52 41.41
CA GLY A 260 -11.35 12.28 41.96
C GLY A 260 -10.24 12.08 40.93
N VAL A 261 -10.54 12.30 39.64
CA VAL A 261 -9.58 12.18 38.55
C VAL A 261 -9.42 13.53 37.85
N ARG A 262 -8.18 13.94 37.57
CA ARG A 262 -7.92 15.24 36.94
C ARG A 262 -7.56 15.04 35.48
N LEU A 263 -7.94 15.99 34.62
CA LEU A 263 -7.54 15.91 33.22
C LEU A 263 -6.02 16.03 33.12
N PRO A 264 -5.40 15.26 32.19
CA PRO A 264 -4.00 15.41 31.83
C PRO A 264 -3.54 16.87 31.71
N GLU A 265 -2.43 17.18 32.38
CA GLU A 265 -1.62 18.33 32.03
C GLU A 265 -0.45 17.77 31.21
N ILE A 266 -0.09 18.46 30.13
CA ILE A 266 1.03 18.00 29.28
C ILE A 266 1.98 19.12 28.94
N LYS A 267 3.25 18.92 29.30
CA LYS A 267 4.30 19.88 28.96
C LYS A 267 4.71 19.73 27.49
N GLU A 268 4.95 18.48 27.06
CA GLU A 268 5.51 18.21 25.74
C GLU A 268 4.53 17.46 24.83
N ARG A 269 4.02 18.15 23.82
CA ARG A 269 3.15 17.53 22.84
C ARG A 269 3.97 16.78 21.79
N GLU A 270 3.55 15.57 21.44
CA GLU A 270 4.16 14.85 20.33
C GLU A 270 3.22 14.82 19.12
N PRO A 271 3.37 15.80 18.22
CA PRO A 271 2.48 15.83 17.06
C PRO A 271 2.67 14.62 16.15
N LEU A 272 1.65 14.35 15.35
CA LEU A 272 1.56 13.17 14.53
C LEU A 272 2.75 13.03 13.55
N GLU A 273 3.11 14.12 12.87
CA GLU A 273 4.23 14.08 11.91
C GLU A 273 5.58 13.80 12.59
N ARG A 274 5.70 14.16 13.88
CA ARG A 274 6.88 13.82 14.67
C ARG A 274 6.91 12.33 15.03
N ARG A 275 5.75 11.76 15.30
CA ARG A 275 5.62 10.34 15.59
C ARG A 275 5.78 9.47 14.34
N TYR A 276 5.24 9.94 13.22
CA TYR A 276 5.35 9.23 11.95
C TYR A 276 6.03 10.09 10.88
N PRO A 277 7.36 10.31 11.01
CA PRO A 277 8.00 11.25 10.11
C PRO A 277 8.17 10.77 8.67
N LYS A 278 7.87 9.50 8.38
CA LYS A 278 8.02 8.97 7.04
C LYS A 278 6.76 9.22 6.21
N LEU A 279 5.63 9.41 6.88
CA LEU A 279 4.34 9.53 6.20
C LEU A 279 4.31 10.82 5.41
N SER A 280 3.74 10.75 4.20
CA SER A 280 3.63 11.91 3.32
C SER A 280 2.76 12.99 3.93
N GLU A 281 2.94 14.21 3.48
CA GLU A 281 2.12 15.32 3.97
C GLU A 281 0.63 15.16 3.65
N VAL A 282 0.31 14.58 2.49
CA VAL A 282 -1.09 14.33 2.10
C VAL A 282 -1.77 13.39 3.11
N VAL A 283 -1.09 12.31 3.48
CA VAL A 283 -1.65 11.33 4.43
C VAL A 283 -1.79 11.94 5.83
N ILE A 284 -0.72 12.59 6.30
CA ILE A 284 -0.78 13.32 7.55
C ILE A 284 -1.96 14.32 7.54
N ASP A 285 -2.13 15.05 6.43
CA ASP A 285 -3.16 16.07 6.38
C ASP A 285 -4.56 15.45 6.53
N LEU A 286 -4.77 14.35 5.82
CA LEU A 286 -6.00 13.58 5.96
C LEU A 286 -6.29 13.16 7.42
N ALA A 287 -5.32 12.53 8.07
CA ALA A 287 -5.53 12.12 9.46
C ALA A 287 -5.86 13.31 10.35
N LYS A 288 -5.08 14.39 10.25
CA LYS A 288 -5.27 15.54 11.15
C LYS A 288 -6.64 16.17 11.01
N LYS A 289 -7.12 16.26 9.78
CA LYS A 289 -8.48 16.74 9.51
C LYS A 289 -9.52 15.90 10.27
N CYS A 290 -9.39 14.58 10.21
CA CYS A 290 -10.33 13.71 10.92
C CYS A 290 -10.18 13.81 12.42
N LEU A 291 -8.97 14.13 12.87
CA LEU A 291 -8.64 14.09 14.31
C LEU A 291 -8.72 15.45 14.99
N HIS A 292 -9.52 16.36 14.47
CA HIS A 292 -9.68 17.62 15.20
C HIS A 292 -10.29 17.31 16.55
N ILE A 293 -9.70 17.90 17.59
CA ILE A 293 -10.20 17.76 18.96
C ILE A 293 -11.59 18.38 19.09
N ASP A 294 -11.82 19.43 18.32
CA ASP A 294 -13.13 20.05 18.20
C ASP A 294 -13.93 19.34 17.11
N PRO A 295 -15.02 18.66 17.48
CA PRO A 295 -15.72 17.88 16.43
C PRO A 295 -16.33 18.77 15.36
N ASP A 296 -16.65 20.03 15.68
CA ASP A 296 -17.18 20.95 14.68
C ASP A 296 -16.22 21.17 13.52
N LYS A 297 -14.92 20.98 13.77
CA LYS A 297 -13.86 21.28 12.79
C LYS A 297 -13.50 20.09 11.92
N ARG A 298 -14.06 18.94 12.21
CA ARG A 298 -13.84 17.75 11.37
C ARG A 298 -14.63 17.86 10.06
N PRO A 299 -14.09 17.36 8.93
CA PRO A 299 -14.90 17.44 7.72
C PRO A 299 -16.06 16.44 7.75
N PHE A 300 -17.01 16.57 6.84
CA PHE A 300 -18.01 15.52 6.69
C PHE A 300 -17.55 14.49 5.66
N CYS A 301 -18.20 13.33 5.66
CA CYS A 301 -17.73 12.21 4.83
C CYS A 301 -17.51 12.51 3.35
N ALA A 302 -18.47 13.16 2.71
CA ALA A 302 -18.37 13.43 1.28
C ALA A 302 -17.18 14.32 0.96
N GLU A 303 -16.90 15.27 1.85
CA GLU A 303 -15.70 16.10 1.67
C GLU A 303 -14.45 15.27 1.71
N LEU A 304 -14.41 14.25 2.58
CA LEU A 304 -13.20 13.43 2.72
C LEU A 304 -12.82 12.70 1.43
N LEU A 305 -13.83 12.20 0.73
CA LEU A 305 -13.64 11.48 -0.54
C LEU A 305 -13.03 12.35 -1.62
N HIS A 306 -13.11 13.67 -1.45
CA HIS A 306 -12.50 14.62 -2.37
C HIS A 306 -11.20 15.22 -1.85
N HIS A 307 -10.65 14.65 -0.78
CA HIS A 307 -9.31 15.02 -0.34
C HIS A 307 -8.35 14.60 -1.46
N ASP A 308 -7.25 15.32 -1.59
CA ASP A 308 -6.14 14.93 -2.49
C ASP A 308 -5.74 13.47 -2.41
N PHE A 309 -5.74 12.91 -1.21
CA PHE A 309 -5.36 11.50 -1.01
C PHE A 309 -6.13 10.52 -1.93
N PHE A 310 -7.41 10.81 -2.20
CA PHE A 310 -8.23 9.99 -3.10
C PHE A 310 -8.31 10.50 -4.53
N GLN A 311 -7.94 11.76 -4.74
CA GLN A 311 -8.15 12.44 -6.02
C GLN A 311 -6.89 12.49 -6.88
N MET A 312 -5.70 12.41 -6.28
CA MET A 312 -4.44 12.37 -7.03
C MET A 312 -4.47 11.21 -8.03
N ASP A 313 -4.08 11.51 -9.27
CA ASP A 313 -4.01 10.54 -10.37
C ASP A 313 -5.35 9.88 -10.70
N GLY A 314 -6.44 10.56 -10.34
CA GLY A 314 -7.77 10.11 -10.64
C GLY A 314 -8.15 8.79 -10.00
N PHE A 315 -7.59 8.49 -8.82
CA PHE A 315 -7.91 7.24 -8.13
C PHE A 315 -9.44 7.11 -7.88
N ALA A 316 -10.07 8.11 -7.28
CA ALA A 316 -11.49 8.02 -6.87
C ALA A 316 -12.41 7.70 -8.05
N GLU A 317 -12.18 8.41 -9.16
CA GLU A 317 -12.96 8.20 -10.37
C GLU A 317 -12.76 6.80 -10.92
N ARG A 318 -11.51 6.40 -11.07
CA ARG A 318 -11.21 5.09 -11.62
C ARG A 318 -11.79 4.02 -10.72
N PHE A 319 -11.58 4.17 -9.42
CA PHE A 319 -11.99 3.16 -8.49
C PHE A 319 -13.53 3.00 -8.38
N SER A 320 -14.28 4.09 -8.52
CA SER A 320 -15.75 4.00 -8.54
C SER A 320 -16.27 3.10 -9.64
N GLN A 321 -15.59 3.11 -10.79
CA GLN A 321 -16.00 2.26 -11.88
C GLN A 321 -15.60 0.81 -11.55
N GLU A 322 -14.34 0.65 -11.17
CA GLU A 322 -13.83 -0.62 -10.65
C GLU A 322 -14.79 -1.22 -9.61
N LEU A 323 -15.17 -0.42 -8.62
CA LEU A 323 -16.00 -0.91 -7.53
C LEU A 323 -17.36 -1.38 -8.03
N GLN A 324 -17.94 -0.68 -9.00
CA GLN A 324 -19.26 -1.03 -9.49
C GLN A 324 -19.26 -2.37 -10.20
N LEU A 325 -18.18 -2.70 -10.92
CA LEU A 325 -18.05 -4.01 -11.58
C LEU A 325 -17.79 -5.13 -10.56
N LYS A 326 -16.88 -4.89 -9.61
CA LYS A 326 -16.66 -5.79 -8.48
C LYS A 326 -18.01 -6.19 -7.89
N VAL A 327 -18.76 -5.18 -7.42
CA VAL A 327 -20.05 -5.41 -6.76
C VAL A 327 -21.03 -6.24 -7.61
N GLN A 328 -21.11 -5.97 -8.92
CA GLN A 328 -22.09 -6.64 -9.77
C GLN A 328 -21.72 -8.10 -10.11
N LYS A 329 -20.42 -8.41 -10.18
CA LYS A 329 -19.96 -9.79 -10.42
C LYS A 329 -19.68 -10.55 -9.11
N ASP A 330 -19.37 -9.80 -8.05
CA ASP A 330 -19.18 -10.34 -6.69
C ASP A 330 -20.54 -10.65 -6.06
N ALA A 331 -21.62 -10.17 -6.70
CA ALA A 331 -22.97 -10.28 -6.16
C ALA A 331 -23.97 -9.77 -7.19
N TYR B 20 33.45 12.21 9.69
CA TYR B 20 32.90 13.55 10.07
C TYR B 20 32.62 14.40 8.84
N PHE B 21 31.77 15.40 9.01
CA PHE B 21 31.38 16.30 7.92
C PHE B 21 32.56 17.13 7.38
N GLN B 22 32.58 17.28 6.05
CA GLN B 22 33.37 18.31 5.39
C GLN B 22 32.42 19.50 5.20
N SER B 23 32.92 20.58 4.61
CA SER B 23 32.15 21.83 4.53
C SER B 23 31.54 22.05 3.16
N MET B 24 30.39 22.74 3.13
CA MET B 24 29.66 23.00 1.89
C MET B 24 30.02 24.36 1.28
N GLU B 25 30.91 25.10 1.93
CA GLU B 25 31.30 26.44 1.45
C GLU B 25 31.81 26.42 0.01
N LYS B 26 32.60 25.39 -0.32
CA LYS B 26 33.21 25.25 -1.66
C LYS B 26 32.23 24.93 -2.80
N TYR B 27 30.94 24.77 -2.49
CA TYR B 27 29.95 24.34 -3.50
C TYR B 27 29.00 25.46 -3.93
N GLU B 28 28.65 25.43 -5.21
CA GLU B 28 27.74 26.38 -5.83
C GLU B 28 26.57 25.60 -6.42
N ASN B 29 25.34 26.08 -6.21
CA ASN B 29 24.13 25.33 -6.59
C ASN B 29 23.63 25.52 -8.02
N LEU B 30 22.91 24.49 -8.48
CA LEU B 30 22.07 24.54 -9.69
C LEU B 30 20.89 23.55 -9.50
N GLY B 31 20.01 23.48 -10.50
CA GLY B 31 18.88 22.53 -10.48
C GLY B 31 19.28 21.13 -10.89
N SER B 37 13.26 12.71 -10.95
CA SER B 37 13.52 11.28 -11.11
C SER B 37 14.12 10.67 -9.85
N TYR B 38 15.14 11.32 -9.31
CA TYR B 38 15.97 10.76 -8.23
C TYR B 38 15.68 11.41 -6.88
N GLY B 39 14.48 11.94 -6.70
CA GLY B 39 14.17 12.75 -5.52
C GLY B 39 14.72 14.15 -5.72
N MET B 40 15.39 14.70 -4.71
CA MET B 40 16.05 16.00 -4.85
C MET B 40 17.57 15.91 -4.65
N VAL B 41 18.25 15.65 -5.76
CA VAL B 41 19.70 15.79 -5.83
C VAL B 41 20.02 17.12 -6.53
N MET B 42 20.83 17.93 -5.85
CA MET B 42 21.24 19.24 -6.37
C MET B 42 22.50 19.06 -7.20
N LYS B 43 22.53 19.70 -8.37
CA LYS B 43 23.73 19.75 -9.18
C LYS B 43 24.56 20.91 -8.66
N CYS B 44 25.80 20.63 -8.26
CA CYS B 44 26.69 21.67 -7.76
C CYS B 44 28.04 21.59 -8.47
N ARG B 45 28.84 22.63 -8.28
CA ARG B 45 30.21 22.66 -8.80
C ARG B 45 31.15 22.92 -7.63
N ASN B 46 32.25 22.17 -7.61
CA ASN B 46 33.33 22.40 -6.65
C ASN B 46 34.09 23.65 -7.08
N LYS B 47 34.00 24.70 -6.27
CA LYS B 47 34.68 25.96 -6.55
C LYS B 47 36.21 25.81 -6.59
N ASP B 48 36.74 24.95 -5.73
CA ASP B 48 38.18 24.69 -5.64
C ASP B 48 38.73 23.83 -6.80
N THR B 49 38.00 22.77 -7.15
CA THR B 49 38.46 21.79 -8.13
C THR B 49 37.89 21.99 -9.52
N GLY B 50 36.69 22.56 -9.61
CA GLY B 50 35.95 22.61 -10.87
C GLY B 50 35.07 21.39 -11.09
N ARG B 51 35.32 20.32 -10.32
CA ARG B 51 34.55 19.08 -10.42
C ARG B 51 33.06 19.30 -10.21
N ILE B 52 32.25 18.76 -11.11
CA ILE B 52 30.79 18.87 -11.01
C ILE B 52 30.27 17.71 -10.19
N VAL B 53 29.40 17.99 -9.23
CA VAL B 53 28.96 16.98 -8.27
C VAL B 53 27.43 16.94 -8.14
N ALA B 54 26.93 15.94 -7.43
CA ALA B 54 25.49 15.78 -7.22
C ALA B 54 25.21 15.56 -5.74
N ILE B 55 24.58 16.55 -5.12
CA ILE B 55 24.37 16.56 -3.66
C ILE B 55 22.91 16.26 -3.27
N LYS B 56 22.72 15.28 -2.38
CA LYS B 56 21.40 14.93 -1.84
C LYS B 56 21.36 15.22 -0.34
N LYS B 57 20.17 15.52 0.17
CA LYS B 57 19.96 15.78 1.60
C LYS B 57 19.63 14.49 2.35
N PHE B 58 20.43 14.17 3.37
CA PHE B 58 20.36 12.90 4.10
C PHE B 58 20.00 13.15 5.55
N LYS B 68 20.81 8.88 14.10
CA LYS B 68 22.19 8.98 13.64
C LYS B 68 22.89 7.63 13.56
N LYS B 69 22.64 6.77 14.56
CA LYS B 69 23.23 5.43 14.62
C LYS B 69 23.04 4.68 13.30
N ILE B 70 21.82 4.70 12.79
CA ILE B 70 21.47 3.99 11.56
C ILE B 70 22.00 4.67 10.30
N ALA B 71 22.14 6.01 10.36
CA ALA B 71 22.66 6.77 9.22
C ALA B 71 24.13 6.47 8.97
N MET B 72 24.91 6.44 10.04
CA MET B 72 26.32 6.06 9.97
C MET B 72 26.45 4.65 9.39
N ARG B 73 25.50 3.78 9.71
CA ARG B 73 25.48 2.43 9.13
C ARG B 73 25.33 2.47 7.61
N GLU B 74 24.49 3.39 7.12
CA GLU B 74 24.28 3.53 5.67
C GLU B 74 25.49 4.17 5.00
N ILE B 75 26.02 5.22 5.62
CA ILE B 75 27.19 5.92 5.09
C ILE B 75 28.41 5.00 4.98
N LYS B 76 28.62 4.17 6.00
CA LYS B 76 29.71 3.20 5.99
C LYS B 76 29.56 2.20 4.83
N LEU B 77 28.32 1.84 4.51
CA LEU B 77 28.06 0.90 3.41
C LEU B 77 28.30 1.56 2.05
N LEU B 78 27.84 2.80 1.91
CA LEU B 78 28.09 3.54 0.68
C LEU B 78 29.59 3.56 0.41
N LYS B 79 30.36 3.98 1.41
CA LYS B 79 31.82 4.07 1.30
C LYS B 79 32.50 2.75 0.94
N GLN B 80 31.84 1.62 1.19
CA GLN B 80 32.36 0.29 0.80
C GLN B 80 31.86 -0.17 -0.58
N LEU B 81 30.91 0.54 -1.16
CA LEU B 81 30.40 0.17 -2.48
C LEU B 81 31.07 1.01 -3.56
N ARG B 82 32.39 1.00 -3.56
CA ARG B 82 33.19 1.78 -4.50
C ARG B 82 33.53 0.92 -5.69
N HIS B 83 33.00 1.30 -6.85
CA HIS B 83 33.18 0.52 -8.06
C HIS B 83 33.14 1.43 -9.30
N GLU B 84 33.90 1.06 -10.32
CA GLU B 84 33.97 1.82 -11.59
C GLU B 84 32.60 2.05 -12.25
N ASN B 85 31.69 1.09 -12.10
CA ASN B 85 30.37 1.15 -12.71
C ASN B 85 29.22 1.54 -11.78
N LEU B 86 29.55 2.22 -10.69
CA LEU B 86 28.59 2.68 -9.72
C LEU B 86 28.87 4.13 -9.49
N VAL B 87 27.85 4.95 -9.26
CA VAL B 87 28.11 6.31 -8.80
C VAL B 87 28.72 6.24 -7.41
N ASN B 88 29.81 6.95 -7.25
CA ASN B 88 30.53 6.85 -6.03
C ASN B 88 30.12 8.01 -5.13
N LEU B 89 30.04 7.70 -3.85
CA LEU B 89 29.94 8.72 -2.83
C LEU B 89 31.32 9.32 -2.66
N LEU B 90 31.42 10.62 -2.80
CA LEU B 90 32.70 11.31 -2.66
C LEU B 90 32.92 11.69 -1.22
N GLU B 91 31.99 12.45 -0.66
CA GLU B 91 32.16 12.96 0.69
C GLU B 91 30.84 13.27 1.36
N VAL B 92 30.90 13.43 2.68
CA VAL B 92 29.75 13.82 3.49
C VAL B 92 30.00 15.17 4.12
N CYS B 93 29.01 16.06 4.01
CA CYS B 93 29.11 17.40 4.57
C CYS B 93 27.98 17.64 5.58
N TYR B 100 24.80 16.69 4.04
CA TYR B 100 24.47 16.14 2.71
C TYR B 100 25.49 15.10 2.19
N LEU B 101 24.99 14.06 1.53
CA LEU B 101 25.81 13.10 0.79
C LEU B 101 26.23 13.74 -0.53
N VAL B 102 27.49 13.57 -0.94
CA VAL B 102 27.99 14.15 -2.18
C VAL B 102 28.41 13.04 -3.12
N PHE B 103 27.72 12.94 -4.25
CA PHE B 103 27.98 11.89 -5.24
C PHE B 103 28.57 12.49 -6.49
N GLU B 104 29.23 11.66 -7.29
CA GLU B 104 29.78 12.13 -8.55
C GLU B 104 28.64 12.50 -9.53
N PHE B 105 28.91 13.44 -10.41
CA PHE B 105 27.98 13.83 -11.43
C PHE B 105 28.44 13.25 -12.74
N VAL B 106 27.51 12.63 -13.42
CA VAL B 106 27.83 11.97 -14.66
C VAL B 106 27.09 12.64 -15.80
N ASP B 107 27.74 12.69 -16.95
CA ASP B 107 27.27 13.50 -18.09
C ASP B 107 25.80 13.30 -18.50
N HIS B 108 25.36 12.07 -18.72
CA HIS B 108 23.99 11.87 -19.20
C HIS B 108 23.49 10.46 -18.85
N THR B 109 22.32 10.07 -19.36
CA THR B 109 21.74 8.74 -19.04
C THR B 109 21.59 7.87 -20.27
N ILE B 110 21.31 6.60 -20.06
CA ILE B 110 21.08 5.73 -21.20
C ILE B 110 19.83 6.19 -21.93
N LEU B 111 18.82 6.67 -21.18
CA LEU B 111 17.57 7.11 -21.79
C LEU B 111 17.81 8.25 -22.76
N ASP B 112 18.69 9.18 -22.39
CA ASP B 112 19.10 10.25 -23.29
C ASP B 112 19.63 9.68 -24.61
N ASP B 113 20.50 8.66 -24.55
CA ASP B 113 21.02 8.07 -25.79
C ASP B 113 19.92 7.36 -26.58
N LEU B 114 18.99 6.74 -25.87
CA LEU B 114 17.88 6.04 -26.53
C LEU B 114 16.94 6.99 -27.26
N GLU B 115 16.81 8.22 -26.78
CA GLU B 115 15.97 9.23 -27.41
C GLU B 115 16.63 9.89 -28.62
N LEU B 116 17.97 9.98 -28.63
CA LEU B 116 18.69 10.43 -29.83
C LEU B 116 18.65 9.39 -30.95
N PHE B 117 18.61 8.12 -30.57
CA PHE B 117 18.66 6.99 -31.51
C PHE B 117 17.35 6.17 -31.48
N PRO B 118 16.25 6.71 -32.06
CA PRO B 118 14.96 5.99 -32.14
C PRO B 118 14.95 4.56 -32.70
N ASN B 119 15.92 4.16 -33.51
CA ASN B 119 15.97 2.78 -34.06
C ASN B 119 16.83 1.81 -33.23
N GLY B 120 17.30 2.25 -32.06
CA GLY B 120 18.15 1.41 -31.23
C GLY B 120 19.61 1.81 -31.38
N LEU B 121 20.46 1.24 -30.54
CA LEU B 121 21.89 1.59 -30.52
C LEU B 121 22.68 0.62 -31.39
N ASP B 122 23.84 1.05 -31.88
CA ASP B 122 24.73 0.15 -32.62
C ASP B 122 25.17 -1.04 -31.75
N TYR B 123 25.40 -2.17 -32.39
CA TYR B 123 25.64 -3.44 -31.73
C TYR B 123 26.75 -3.37 -30.70
N GLN B 124 27.84 -2.70 -31.06
CA GLN B 124 28.98 -2.57 -30.17
C GLN B 124 28.68 -1.64 -28.99
N VAL B 125 27.82 -0.64 -29.19
CA VAL B 125 27.47 0.25 -28.08
C VAL B 125 26.60 -0.53 -27.08
N VAL B 126 25.76 -1.42 -27.60
CA VAL B 126 24.97 -2.25 -26.72
C VAL B 126 25.88 -3.18 -25.93
N GLN B 127 26.90 -3.76 -26.57
CA GLN B 127 27.83 -4.65 -25.87
C GLN B 127 28.54 -3.91 -24.73
N LYS B 128 28.95 -2.70 -25.00
CA LYS B 128 29.72 -1.93 -24.03
C LYS B 128 28.89 -1.44 -22.84
N TYR B 129 27.67 -0.97 -23.12
CA TYR B 129 26.72 -0.58 -22.07
C TYR B 129 26.26 -1.75 -21.24
N LEU B 130 25.83 -2.82 -21.89
CA LEU B 130 25.36 -3.98 -21.15
C LEU B 130 26.41 -4.64 -20.28
N PHE B 131 27.64 -4.74 -20.77
CA PHE B 131 28.76 -5.40 -20.06
C PHE B 131 29.00 -4.66 -18.75
N GLN B 132 28.99 -3.34 -18.84
CA GLN B 132 29.17 -2.49 -17.69
C GLN B 132 28.03 -2.55 -16.68
N ILE B 133 26.79 -2.65 -17.16
CA ILE B 133 25.63 -2.73 -16.28
C ILE B 133 25.74 -4.04 -15.49
N ILE B 134 25.98 -5.14 -16.19
CA ILE B 134 26.07 -6.43 -15.56
C ILE B 134 27.23 -6.43 -14.57
N ASN B 135 28.33 -5.81 -14.95
CA ASN B 135 29.45 -5.70 -14.04
C ASN B 135 29.09 -4.96 -12.74
N GLY B 136 28.44 -3.80 -12.87
CA GLY B 136 28.06 -2.99 -11.69
C GLY B 136 27.03 -3.66 -10.78
N ILE B 137 26.10 -4.38 -11.40
CA ILE B 137 25.06 -5.07 -10.66
C ILE B 137 25.71 -6.25 -9.95
N GLY B 138 26.62 -6.96 -10.64
CA GLY B 138 27.32 -8.11 -10.05
C GLY B 138 28.06 -7.77 -8.77
N PHE B 139 28.72 -6.63 -8.79
CA PHE B 139 29.38 -6.09 -7.61
C PHE B 139 28.39 -5.87 -6.47
N CYS B 140 27.22 -5.29 -6.77
CA CYS B 140 26.19 -5.08 -5.75
C CYS B 140 25.84 -6.42 -5.10
N HIS B 141 25.54 -7.41 -5.93
CA HIS B 141 25.13 -8.72 -5.43
C HIS B 141 26.18 -9.37 -4.50
N SER B 142 27.45 -9.19 -4.85
CA SER B 142 28.55 -9.76 -4.06
C SER B 142 28.73 -9.04 -2.72
N HIS B 143 28.12 -7.86 -2.60
CA HIS B 143 28.08 -7.10 -1.34
C HIS B 143 26.68 -7.16 -0.71
N ASN B 144 25.95 -8.22 -1.05
CA ASN B 144 24.60 -8.45 -0.54
C ASN B 144 23.56 -7.33 -0.80
N ILE B 145 23.74 -6.57 -1.87
CA ILE B 145 22.79 -5.53 -2.28
C ILE B 145 22.04 -5.95 -3.56
N ILE B 146 20.72 -5.85 -3.49
CA ILE B 146 19.86 -6.00 -4.65
C ILE B 146 19.51 -4.57 -5.08
N HIS B 147 19.80 -4.22 -6.33
CA HIS B 147 19.68 -2.84 -6.79
C HIS B 147 18.22 -2.37 -6.81
N ARG B 148 17.34 -3.20 -7.39
CA ARG B 148 15.88 -3.02 -7.37
C ARG B 148 15.32 -1.79 -8.13
N ASP B 149 16.12 -1.14 -8.95
CA ASP B 149 15.71 0.11 -9.61
C ASP B 149 16.38 0.29 -10.97
N ILE B 150 16.67 -0.81 -11.65
CA ILE B 150 17.29 -0.78 -12.95
C ILE B 150 16.25 -0.32 -13.99
N LYS B 151 16.57 0.82 -14.63
CA LYS B 151 15.85 1.32 -15.79
C LYS B 151 16.71 2.36 -16.51
N PRO B 152 16.40 2.66 -17.80
CA PRO B 152 17.30 3.53 -18.55
C PRO B 152 17.64 4.88 -17.91
N GLU B 153 16.67 5.50 -17.26
CA GLU B 153 16.88 6.83 -16.64
C GLU B 153 17.78 6.74 -15.40
N ASN B 154 17.88 5.55 -14.81
CA ASN B 154 18.74 5.32 -13.63
C ASN B 154 20.15 4.80 -13.95
N ILE B 155 20.52 4.85 -15.22
CA ILE B 155 21.83 4.40 -15.66
C ILE B 155 22.54 5.55 -16.36
N LEU B 156 23.58 6.04 -15.72
CA LEU B 156 24.28 7.23 -16.17
C LEU B 156 25.45 6.83 -17.08
N VAL B 157 25.83 7.74 -17.98
CA VAL B 157 26.94 7.50 -18.93
C VAL B 157 27.89 8.69 -18.93
N SER B 158 29.19 8.45 -18.73
CA SER B 158 30.18 9.52 -18.79
C SER B 158 30.47 9.94 -20.25
N GLN B 159 31.08 11.10 -20.39
CA GLN B 159 31.57 11.56 -21.69
C GLN B 159 32.50 10.55 -22.36
N SER B 160 33.20 9.76 -21.56
CA SER B 160 34.10 8.70 -22.03
C SER B 160 33.41 7.37 -22.22
N GLY B 161 32.10 7.30 -22.00
CA GLY B 161 31.35 6.08 -22.19
C GLY B 161 31.41 5.13 -20.99
N VAL B 162 31.80 5.64 -19.84
CA VAL B 162 31.77 4.86 -18.60
C VAL B 162 30.37 4.86 -17.97
N VAL B 163 29.77 3.68 -17.88
CA VAL B 163 28.48 3.55 -17.26
C VAL B 163 28.53 3.56 -15.75
N LYS B 164 27.57 4.23 -15.14
CA LYS B 164 27.45 4.24 -13.69
C LYS B 164 25.98 4.08 -13.22
N LEU B 165 25.76 3.09 -12.37
CA LEU B 165 24.45 2.84 -11.82
C LEU B 165 24.23 3.76 -10.62
N CYS B 166 23.07 4.43 -10.54
CA CYS B 166 22.71 5.17 -9.32
C CYS B 166 21.46 4.61 -8.66
N ASP B 167 21.16 5.13 -7.48
CA ASP B 167 19.87 4.93 -6.80
C ASP B 167 19.64 3.52 -6.26
N PHE B 168 20.38 3.15 -5.21
CA PHE B 168 20.25 1.81 -4.62
C PHE B 168 20.32 1.73 -3.08
N GLY B 169 19.34 2.32 -2.39
CA GLY B 169 19.07 1.96 -1.00
C GLY B 169 18.94 3.03 0.07
N PHE B 170 19.78 4.07 0.00
CA PHE B 170 19.78 5.14 1.01
C PHE B 170 18.44 5.89 1.06
N ALA B 171 18.08 6.51 -0.06
CA ALA B 171 16.82 7.26 -0.16
C ALA B 171 15.59 6.36 0.03
N ARG B 172 15.68 5.12 -0.44
CA ARG B 172 14.57 4.16 -0.37
C ARG B 172 14.18 3.79 1.08
N THR B 173 15.15 3.74 1.98
CA THR B 173 14.87 3.35 3.38
C THR B 173 14.22 4.47 4.20
N LEU B 174 14.49 5.73 3.84
CA LEU B 174 13.94 6.90 4.54
C LEU B 174 12.64 7.39 3.90
N ALA B 175 12.07 6.56 3.02
CA ALA B 175 10.98 6.97 2.15
C ALA B 175 9.59 6.68 2.73
N ALA B 176 8.61 7.45 2.29
CA ALA B 176 7.21 7.25 2.67
C ALA B 176 6.63 5.97 2.06
N PRO B 177 5.51 5.49 2.63
CA PRO B 177 4.72 4.50 1.90
C PRO B 177 4.33 4.99 0.50
N GLY B 178 4.13 6.31 0.37
CA GLY B 178 3.85 6.95 -0.91
C GLY B 178 5.03 6.97 -1.88
N GLU B 179 6.24 7.08 -1.35
CA GLU B 179 7.45 7.04 -2.18
C GLU B 179 7.74 5.61 -2.64
N VAL B 180 7.57 4.65 -1.74
CA VAL B 180 7.59 3.25 -2.15
C VAL B 180 6.62 3.07 -3.31
N TYR B 181 5.38 3.51 -3.13
CA TYR B 181 4.37 3.40 -4.20
C TYR B 181 4.77 4.14 -5.51
N ASP B 182 5.28 5.38 -5.41
CA ASP B 182 5.74 6.10 -6.60
C ASP B 182 6.87 5.37 -7.31
N ASP B 183 7.79 4.79 -6.55
CA ASP B 183 8.90 4.02 -7.13
C ASP B 183 8.41 2.79 -7.94
N GLU B 184 7.51 2.01 -7.34
CA GLU B 184 6.92 0.82 -7.99
C GLU B 184 6.23 1.20 -9.31
N VAL B 185 5.51 2.31 -9.31
CA VAL B 185 4.89 2.81 -10.55
C VAL B 185 5.96 3.20 -11.58
N ALA B 186 6.94 4.01 -11.18
CA ALA B 186 8.08 4.42 -12.03
C ALA B 186 8.93 3.29 -12.65
N THR B 187 9.08 2.17 -11.93
CA THR B 187 9.89 1.05 -12.43
C THR B 187 9.01 -0.08 -13.00
N ARG B 188 7.70 0.15 -13.05
CA ARG B 188 6.74 -0.84 -13.47
C ARG B 188 7.20 -1.67 -14.65
N TRP B 189 7.73 -1.04 -15.70
CA TRP B 189 8.06 -1.78 -16.94
C TRP B 189 9.18 -2.79 -16.81
N TYR B 190 9.99 -2.64 -15.74
CA TYR B 190 11.20 -3.41 -15.51
C TYR B 190 11.13 -4.34 -14.30
N ARG B 191 9.97 -4.40 -13.67
CA ARG B 191 9.76 -5.22 -12.50
C ARG B 191 9.45 -6.68 -12.86
N ALA B 192 10.19 -7.59 -12.26
CA ALA B 192 10.04 -9.05 -12.50
C ALA B 192 8.70 -9.55 -11.96
N PRO B 193 8.24 -10.73 -12.44
CA PRO B 193 6.93 -11.22 -12.04
C PRO B 193 6.76 -11.42 -10.54
N GLU B 194 7.81 -11.90 -9.87
CA GLU B 194 7.77 -12.10 -8.43
C GLU B 194 7.46 -10.84 -7.66
N LEU B 195 8.04 -9.73 -8.08
CA LEU B 195 7.70 -8.44 -7.50
C LEU B 195 6.23 -8.11 -7.79
N LEU B 196 5.77 -8.27 -9.01
CA LEU B 196 4.44 -7.81 -9.39
C LEU B 196 3.33 -8.53 -8.61
N VAL B 197 3.57 -9.80 -8.26
CA VAL B 197 2.59 -10.58 -7.49
C VAL B 197 2.67 -10.37 -5.98
N GLY B 198 3.72 -9.67 -5.52
CA GLY B 198 3.89 -9.33 -4.12
C GLY B 198 4.83 -10.20 -3.31
N ASP B 199 5.76 -10.90 -3.98
CA ASP B 199 6.75 -11.72 -3.27
C ASP B 199 7.70 -10.78 -2.53
N VAL B 200 7.70 -10.82 -1.20
CA VAL B 200 8.59 -9.96 -0.43
C VAL B 200 9.93 -10.66 -0.17
N LYS B 201 10.02 -11.96 -0.48
CA LYS B 201 11.29 -12.68 -0.39
C LYS B 201 11.95 -12.85 -1.77
N TYR B 202 11.82 -11.83 -2.60
CA TYR B 202 12.57 -11.76 -3.86
C TYR B 202 14.07 -11.79 -3.58
N GLY B 203 14.84 -12.17 -4.59
CA GLY B 203 16.27 -12.24 -4.48
C GLY B 203 16.95 -11.40 -5.53
N LYS B 204 18.25 -11.67 -5.71
CA LYS B 204 19.09 -10.92 -6.63
C LYS B 204 18.64 -11.06 -8.08
N ALA B 205 17.97 -12.18 -8.40
CA ALA B 205 17.42 -12.43 -9.70
C ALA B 205 16.45 -11.36 -10.28
N VAL B 206 15.92 -10.45 -9.47
CA VAL B 206 15.06 -9.39 -10.01
C VAL B 206 15.84 -8.39 -10.86
N ASP B 207 17.14 -8.24 -10.53
CA ASP B 207 18.02 -7.38 -11.33
C ASP B 207 18.37 -8.01 -12.66
N VAL B 208 18.60 -9.31 -12.63
CA VAL B 208 18.82 -10.01 -13.87
C VAL B 208 17.63 -9.80 -14.83
N TRP B 209 16.40 -9.90 -14.33
CA TRP B 209 15.17 -9.70 -15.14
C TRP B 209 15.19 -8.35 -15.78
N ALA B 210 15.49 -7.34 -14.95
CA ALA B 210 15.61 -5.97 -15.42
C ALA B 210 16.64 -5.80 -16.55
N ILE B 211 17.81 -6.42 -16.41
CA ILE B 211 18.83 -6.47 -17.46
C ILE B 211 18.24 -7.13 -18.71
N GLY B 212 17.56 -8.26 -18.54
CA GLY B 212 16.82 -8.87 -19.67
C GLY B 212 15.97 -7.84 -20.41
N CYS B 213 15.22 -7.01 -19.68
CA CYS B 213 14.38 -5.99 -20.29
C CYS B 213 15.18 -4.97 -21.13
N LEU B 214 16.42 -4.68 -20.71
CA LEU B 214 17.23 -3.69 -21.42
C LEU B 214 17.81 -4.22 -22.73
N VAL B 215 18.00 -5.54 -22.84
CA VAL B 215 18.56 -6.13 -24.04
C VAL B 215 17.82 -5.74 -25.30
N THR B 216 16.52 -6.05 -25.39
CA THR B 216 15.76 -5.72 -26.58
C THR B 216 15.47 -4.25 -26.65
N GLU B 217 15.33 -3.58 -25.51
CA GLU B 217 15.09 -2.15 -25.58
C GLU B 217 16.24 -1.40 -26.25
N MET B 218 17.47 -1.68 -25.84
CA MET B 218 18.66 -1.04 -26.43
C MET B 218 18.87 -1.36 -27.91
N PHE B 219 18.62 -2.59 -28.28
CA PHE B 219 18.72 -2.99 -29.69
C PHE B 219 17.60 -2.44 -30.56
N MET B 220 16.37 -2.41 -30.04
CA MET B 220 15.21 -2.13 -30.89
C MET B 220 14.59 -0.76 -30.68
N GLY B 221 15.05 -0.02 -29.69
CA GLY B 221 14.45 1.26 -29.34
C GLY B 221 12.97 1.16 -29.02
N GLU B 222 12.60 0.12 -28.28
CA GLU B 222 11.25 -0.09 -27.81
C GLU B 222 11.28 -0.73 -26.42
N PRO B 223 10.46 -0.20 -25.49
CA PRO B 223 10.33 -0.92 -24.24
C PRO B 223 9.73 -2.30 -24.47
N LEU B 224 10.17 -3.29 -23.70
CA LEU B 224 9.75 -4.67 -23.91
C LEU B 224 8.30 -4.94 -23.45
N PHE B 225 7.99 -4.52 -22.23
CA PHE B 225 6.69 -4.74 -21.63
C PHE B 225 6.16 -3.45 -21.03
N PRO B 226 5.59 -2.53 -21.85
CA PRO B 226 5.11 -1.25 -21.33
C PRO B 226 3.62 -1.25 -20.90
N GLY B 227 3.35 -1.80 -19.72
CA GLY B 227 1.99 -1.93 -19.21
C GLY B 227 1.48 -0.68 -18.51
N ASP B 228 0.15 -0.56 -18.44
CA ASP B 228 -0.50 0.61 -17.84
C ASP B 228 -0.84 0.45 -16.36
N SER B 229 -0.63 -0.76 -15.82
CA SER B 229 -1.00 -1.14 -14.44
C SER B 229 -0.31 -2.49 -14.14
N ASP B 230 -0.36 -2.92 -12.89
CA ASP B 230 0.35 -4.15 -12.51
C ASP B 230 -0.32 -5.41 -13.09
N ILE B 231 -1.65 -5.44 -13.15
CA ILE B 231 -2.32 -6.55 -13.87
C ILE B 231 -1.94 -6.54 -15.37
N ASP B 232 -1.93 -5.35 -15.98
CA ASP B 232 -1.59 -5.23 -17.40
C ASP B 232 -0.12 -5.60 -17.65
N GLN B 233 0.77 -5.23 -16.73
CA GLN B 233 2.15 -5.68 -16.76
C GLN B 233 2.27 -7.22 -16.78
N LEU B 234 1.58 -7.88 -15.86
CA LEU B 234 1.56 -9.33 -15.83
C LEU B 234 1.06 -9.89 -17.16
N TYR B 235 -0.01 -9.31 -17.68
CA TYR B 235 -0.56 -9.71 -18.98
C TYR B 235 0.46 -9.63 -20.13
N HIS B 236 1.19 -8.53 -20.22
CA HIS B 236 2.25 -8.39 -21.23
C HIS B 236 3.29 -9.49 -21.06
N ILE B 237 3.70 -9.72 -19.81
CA ILE B 237 4.73 -10.70 -19.50
C ILE B 237 4.27 -12.10 -19.92
N MET B 238 3.07 -12.48 -19.49
CA MET B 238 2.55 -13.82 -19.75
C MET B 238 2.24 -14.08 -21.21
N MET B 239 1.77 -13.05 -21.92
CA MET B 239 1.51 -13.18 -23.36
C MET B 239 2.80 -13.56 -24.09
N CYS B 240 3.95 -13.05 -23.63
CA CYS B 240 5.23 -13.37 -24.23
C CYS B 240 5.84 -14.65 -23.68
N LEU B 241 5.72 -14.85 -22.37
CA LEU B 241 6.55 -15.83 -21.68
C LEU B 241 5.77 -16.98 -21.03
N GLY B 242 4.45 -16.96 -21.15
CA GLY B 242 3.61 -18.05 -20.63
C GLY B 242 3.22 -17.90 -19.16
N ASN B 243 2.84 -19.01 -18.55
CA ASN B 243 2.26 -19.00 -17.21
C ASN B 243 3.25 -18.78 -16.08
N LEU B 244 2.78 -18.14 -15.01
CA LEU B 244 3.59 -17.92 -13.82
C LEU B 244 3.81 -19.26 -13.12
N ILE B 245 4.87 -19.37 -12.33
CA ILE B 245 5.10 -20.59 -11.54
C ILE B 245 4.07 -20.66 -10.39
N PRO B 246 3.75 -21.88 -9.91
CA PRO B 246 2.68 -22.02 -8.90
C PRO B 246 2.86 -21.14 -7.65
N ARG B 247 4.08 -21.05 -7.15
CA ARG B 247 4.39 -20.14 -6.02
C ARG B 247 3.91 -18.71 -6.29
N HIS B 248 4.10 -18.23 -7.51
CA HIS B 248 3.65 -16.89 -7.90
C HIS B 248 2.15 -16.78 -8.02
N GLN B 249 1.51 -17.83 -8.51
CA GLN B 249 0.06 -17.86 -8.56
C GLN B 249 -0.51 -17.80 -7.14
N GLU B 250 0.11 -18.50 -6.19
CA GLU B 250 -0.38 -18.51 -4.82
C GLU B 250 -0.29 -17.13 -4.19
N LEU B 251 0.83 -16.45 -4.36
CA LEU B 251 0.99 -15.09 -3.84
C LEU B 251 -0.03 -14.13 -4.46
N PHE B 252 -0.26 -14.24 -5.76
CA PHE B 252 -1.24 -13.40 -6.46
C PHE B 252 -2.63 -13.56 -5.87
N ASN B 253 -3.02 -14.82 -5.62
CA ASN B 253 -4.34 -15.14 -5.11
C ASN B 253 -4.54 -14.67 -3.69
N LYS B 254 -3.45 -14.50 -2.94
CA LYS B 254 -3.52 -14.09 -1.53
C LYS B 254 -3.28 -12.59 -1.33
N ASN B 255 -2.94 -11.89 -2.40
CA ASN B 255 -2.57 -10.47 -2.35
C ASN B 255 -3.81 -9.57 -2.42
N PRO B 256 -4.07 -8.78 -1.37
CA PRO B 256 -5.24 -7.90 -1.36
C PRO B 256 -5.27 -6.86 -2.49
N VAL B 257 -4.09 -6.49 -3.01
CA VAL B 257 -3.94 -5.63 -4.20
C VAL B 257 -4.76 -6.21 -5.39
N PHE B 258 -4.83 -7.53 -5.47
CA PHE B 258 -5.47 -8.18 -6.60
C PHE B 258 -6.84 -8.82 -6.30
N ALA B 259 -7.46 -8.48 -5.18
CA ALA B 259 -8.80 -9.00 -4.87
C ALA B 259 -9.78 -8.59 -5.97
N GLY B 260 -10.58 -9.55 -6.44
CA GLY B 260 -11.50 -9.31 -7.53
C GLY B 260 -10.88 -9.26 -8.91
N VAL B 261 -9.58 -9.60 -9.03
CA VAL B 261 -8.85 -9.61 -10.30
C VAL B 261 -8.31 -11.03 -10.56
N ARG B 262 -8.45 -11.52 -11.79
CA ARG B 262 -7.99 -12.87 -12.13
C ARG B 262 -6.69 -12.78 -12.90
N LEU B 263 -5.82 -13.78 -12.75
CA LEU B 263 -4.64 -13.84 -13.58
C LEU B 263 -5.05 -14.05 -15.05
N PRO B 264 -4.34 -13.39 -15.99
CA PRO B 264 -4.44 -13.68 -17.42
C PRO B 264 -4.52 -15.17 -17.73
N GLU B 265 -5.48 -15.57 -18.54
CA GLU B 265 -5.39 -16.85 -19.24
C GLU B 265 -4.87 -16.49 -20.64
N ILE B 266 -3.90 -17.26 -21.12
CA ILE B 266 -3.19 -16.88 -22.34
C ILE B 266 -3.56 -17.88 -23.42
N LYS B 267 -4.35 -17.45 -24.40
CA LYS B 267 -4.72 -18.28 -25.53
C LYS B 267 -3.60 -18.28 -26.57
N GLU B 268 -3.15 -17.08 -26.96
CA GLU B 268 -2.12 -16.92 -27.99
C GLU B 268 -0.84 -16.34 -27.40
N ARG B 269 0.20 -17.18 -27.36
CA ARG B 269 1.51 -16.77 -26.86
C ARG B 269 2.40 -16.20 -27.98
N GLU B 270 2.95 -15.01 -27.78
CA GLU B 270 3.85 -14.41 -28.76
C GLU B 270 5.27 -14.43 -28.25
N PRO B 271 6.04 -15.48 -28.60
CA PRO B 271 7.42 -15.56 -28.14
C PRO B 271 8.29 -14.43 -28.70
N LEU B 272 9.39 -14.18 -28.01
CA LEU B 272 10.26 -13.06 -28.29
C LEU B 272 10.83 -13.06 -29.73
N GLU B 273 11.27 -14.22 -30.20
CA GLU B 273 11.81 -14.33 -31.56
C GLU B 273 10.76 -14.05 -32.63
N ARG B 274 9.49 -14.30 -32.32
CA ARG B 274 8.38 -13.98 -33.23
C ARG B 274 8.13 -12.47 -33.26
N ARG B 275 8.28 -11.84 -32.11
CA ARG B 275 8.13 -10.38 -32.01
C ARG B 275 9.32 -9.62 -32.60
N TYR B 276 10.52 -10.14 -32.40
CA TYR B 276 11.73 -9.54 -32.97
C TYR B 276 12.47 -10.53 -33.88
N PRO B 277 11.89 -10.81 -35.08
CA PRO B 277 12.47 -11.86 -35.90
C PRO B 277 13.82 -11.51 -36.57
N LYS B 278 14.27 -10.25 -36.47
CA LYS B 278 15.53 -9.84 -37.09
C LYS B 278 16.65 -9.74 -36.07
N LEU B 279 16.40 -10.09 -34.81
CA LEU B 279 17.46 -10.26 -33.82
C LEU B 279 18.14 -11.62 -33.95
N SER B 280 19.46 -11.60 -33.80
CA SER B 280 20.27 -12.80 -33.89
C SER B 280 19.93 -13.76 -32.77
N GLU B 281 20.21 -15.03 -33.00
CA GLU B 281 19.95 -16.04 -31.99
C GLU B 281 20.74 -15.83 -30.71
N VAL B 282 21.97 -15.33 -30.81
CA VAL B 282 22.79 -15.06 -29.63
C VAL B 282 22.10 -14.02 -28.75
N VAL B 283 21.61 -12.94 -29.36
CA VAL B 283 20.97 -11.86 -28.59
C VAL B 283 19.64 -12.34 -27.97
N ILE B 284 18.81 -13.01 -28.77
CA ILE B 284 17.60 -13.63 -28.26
C ILE B 284 17.93 -14.58 -27.09
N ASP B 285 18.99 -15.39 -27.22
CA ASP B 285 19.32 -16.34 -26.18
C ASP B 285 19.66 -15.60 -24.87
N LEU B 286 20.45 -14.54 -24.99
CA LEU B 286 20.79 -13.72 -23.82
C LEU B 286 19.54 -13.16 -23.11
N ALA B 287 18.64 -12.56 -23.89
CA ALA B 287 17.40 -12.02 -23.30
C ALA B 287 16.59 -13.12 -22.62
N LYS B 288 16.38 -14.24 -23.29
CA LYS B 288 15.54 -15.30 -22.74
C LYS B 288 16.07 -15.84 -21.42
N LYS B 289 17.39 -16.01 -21.35
CA LYS B 289 18.04 -16.44 -20.12
C LYS B 289 17.72 -15.48 -18.97
N CYS B 290 17.80 -14.18 -19.21
CA CYS B 290 17.48 -13.19 -18.18
C CYS B 290 15.99 -13.17 -17.84
N LEU B 291 15.14 -13.52 -18.81
CA LEU B 291 13.70 -13.41 -18.66
C LEU B 291 13.00 -14.71 -18.27
N HIS B 292 13.69 -15.64 -17.62
CA HIS B 292 12.99 -16.85 -17.16
C HIS B 292 11.93 -16.40 -16.17
N ILE B 293 10.71 -16.93 -16.35
CA ILE B 293 9.58 -16.66 -15.47
C ILE B 293 9.88 -17.21 -14.07
N ASP B 294 10.62 -18.30 -14.02
CA ASP B 294 11.13 -18.83 -12.77
C ASP B 294 12.46 -18.16 -12.41
N PRO B 295 12.47 -17.35 -11.35
CA PRO B 295 13.73 -16.65 -11.05
C PRO B 295 14.90 -17.60 -10.74
N ASP B 296 14.63 -18.79 -10.23
CA ASP B 296 15.70 -19.76 -9.95
C ASP B 296 16.46 -20.16 -11.21
N LYS B 297 15.83 -20.02 -12.38
CA LYS B 297 16.42 -20.43 -13.66
C LYS B 297 17.19 -19.34 -14.37
N ARG B 298 17.14 -18.12 -13.85
CA ARG B 298 17.94 -17.03 -14.40
C ARG B 298 19.42 -17.17 -14.04
N PRO B 299 20.34 -16.78 -14.94
CA PRO B 299 21.74 -16.90 -14.55
C PRO B 299 22.14 -15.83 -13.53
N PHE B 300 23.29 -15.98 -12.89
CA PHE B 300 23.81 -14.88 -12.10
C PHE B 300 24.71 -13.96 -12.94
N CYS B 301 24.97 -12.76 -12.44
CA CYS B 301 25.69 -11.76 -13.22
C CYS B 301 27.01 -12.18 -13.85
N ALA B 302 27.88 -12.84 -13.09
CA ALA B 302 29.19 -13.22 -13.61
C ALA B 302 29.06 -14.22 -14.77
N GLU B 303 28.09 -15.11 -14.69
CA GLU B 303 27.82 -16.01 -15.80
C GLU B 303 27.42 -15.23 -17.05
N LEU B 304 26.65 -14.15 -16.89
CA LEU B 304 26.16 -13.39 -18.07
C LEU B 304 27.29 -12.77 -18.88
N LEU B 305 28.33 -12.29 -18.18
CA LEU B 305 29.51 -11.70 -18.82
C LEU B 305 30.30 -12.70 -19.67
N HIS B 306 30.07 -13.99 -19.45
CA HIS B 306 30.69 -15.04 -20.26
C HIS B 306 29.75 -15.67 -21.26
N HIS B 307 28.59 -15.06 -21.50
CA HIS B 307 27.71 -15.46 -22.59
C HIS B 307 28.47 -15.17 -23.90
N ASP B 308 28.22 -15.99 -24.92
CA ASP B 308 28.76 -15.75 -26.28
C ASP B 308 28.64 -14.29 -26.76
N PHE B 309 27.53 -13.64 -26.43
CA PHE B 309 27.30 -12.25 -26.83
C PHE B 309 28.48 -11.32 -26.48
N PHE B 310 29.12 -11.56 -25.34
CA PHE B 310 30.28 -10.74 -24.91
C PHE B 310 31.63 -11.37 -25.26
N GLN B 311 31.63 -12.67 -25.57
CA GLN B 311 32.84 -13.44 -25.72
C GLN B 311 33.26 -13.65 -27.19
N MET B 312 32.30 -13.60 -28.13
CA MET B 312 32.62 -13.69 -29.56
C MET B 312 33.65 -12.62 -29.96
N ASP B 313 34.67 -13.07 -30.69
CA ASP B 313 35.75 -12.22 -31.20
C ASP B 313 36.52 -11.51 -30.12
N GLY B 314 36.48 -12.09 -28.90
CA GLY B 314 37.22 -11.55 -27.79
C GLY B 314 36.83 -10.16 -27.34
N PHE B 315 35.55 -9.79 -27.53
CA PHE B 315 35.09 -8.48 -27.07
C PHE B 315 35.36 -8.23 -25.56
N ALA B 316 34.94 -9.14 -24.70
CA ALA B 316 35.02 -8.92 -23.23
C ALA B 316 36.44 -8.66 -22.76
N GLU B 317 37.37 -9.49 -23.26
CA GLU B 317 38.78 -9.34 -22.95
C GLU B 317 39.31 -8.01 -23.44
N ARG B 318 39.07 -7.69 -24.71
CA ARG B 318 39.55 -6.44 -25.27
C ARG B 318 38.97 -5.27 -24.52
N PHE B 319 37.67 -5.35 -24.27
CA PHE B 319 36.98 -4.23 -23.64
C PHE B 319 37.40 -3.98 -22.18
N SER B 320 37.75 -5.03 -21.45
CA SER B 320 38.22 -4.85 -20.06
C SER B 320 39.49 -4.03 -19.98
N GLN B 321 40.34 -4.16 -20.99
CA GLN B 321 41.56 -3.35 -21.04
C GLN B 321 41.19 -1.92 -21.42
N GLU B 322 40.40 -1.80 -22.49
CA GLU B 322 39.82 -0.52 -22.90
C GLU B 322 39.17 0.21 -21.71
N LEU B 323 38.33 -0.50 -20.97
CA LEU B 323 37.58 0.12 -19.87
C LEU B 323 38.50 0.64 -18.77
N GLN B 324 39.57 -0.11 -18.47
CA GLN B 324 40.51 0.30 -17.42
C GLN B 324 41.21 1.60 -17.76
N LEU B 325 41.56 1.79 -19.03
CA LEU B 325 42.19 3.04 -19.45
C LEU B 325 41.21 4.21 -19.49
N LYS B 326 40.01 3.97 -20.02
CA LYS B 326 38.91 4.94 -19.95
C LYS B 326 38.80 5.47 -18.52
N VAL B 327 38.56 4.55 -17.59
CA VAL B 327 38.37 4.90 -16.17
C VAL B 327 39.54 5.72 -15.60
N GLN B 328 40.79 5.37 -15.93
CA GLN B 328 41.95 6.04 -15.34
C GLN B 328 42.22 7.45 -15.92
N LYS B 329 41.86 7.66 -17.19
CA LYS B 329 42.00 8.99 -17.82
C LYS B 329 40.71 9.81 -17.73
N ASP B 330 39.58 9.13 -17.61
CA ASP B 330 38.27 9.76 -17.37
C ASP B 330 38.14 10.19 -15.90
N ALA B 331 39.06 9.72 -15.05
CA ALA B 331 39.01 9.95 -13.61
C ALA B 331 40.27 9.41 -12.95
C1 TC0 C . -12.57 -15.87 8.92
C2 TC0 C . -11.70 -16.50 9.78
C3 TC0 C . -11.98 -15.03 10.07
N1 TC0 C . -12.85 -14.79 11.27
C4 TC0 C . -13.35 -13.41 11.42
C5 TC0 C . -14.55 -13.15 10.73
C6 TC0 C . -14.73 -13.51 9.39
C7 TC0 C . -15.93 -13.23 8.74
C10 TC0 C . -15.61 -12.49 11.36
C9 TC0 C . -16.80 -12.20 10.70
C8 TC0 C . -16.99 -12.57 9.37
N2 TC0 C . -18.08 -12.36 8.59
C11 TC0 C . -19.27 -11.81 8.93
C12 TC0 C . -19.71 -11.09 9.98
N4 TC0 C . -20.27 -11.92 8.08
N3 TC0 C . -21.29 -11.35 8.52
C13 TC0 C . -21.02 -10.83 9.71
C14 TC0 C . -21.88 -10.09 10.44
C19 TC0 C . -21.61 -9.68 11.75
C18 TC0 C . -22.50 -8.86 12.47
C15 TC0 C . -23.05 -9.61 9.85
C16 TC0 C . -23.94 -8.80 10.57
C17 TC0 C . -23.68 -8.39 11.88
C20 TC0 C . -24.58 -7.59 12.59
C21 TC0 C . -24.85 -7.87 13.93
C22 TC0 C . -25.76 -7.11 14.67
C23 TC0 C . -26.43 -6.04 14.07
O2 TC0 C . -27.32 -5.28 14.80
C24 TC0 C . -26.19 -5.73 12.73
C25 TC0 C . -25.28 -6.52 12.00
O1 TC0 C . -25.03 -6.24 10.70
CL CL D . -17.41 -13.22 0.31
C1 EDO E . -9.47 -4.51 16.00
O1 EDO E . -10.80 -4.10 15.65
C2 EDO E . -8.58 -3.32 16.39
O2 EDO E . -7.52 -3.83 17.19
C1 EDO F . -16.12 3.69 18.42
O1 EDO F . -15.65 2.85 17.37
C2 EDO F . -16.21 5.15 18.01
O2 EDO F . -17.56 5.60 18.01
C1 TC0 G . 18.28 16.83 -19.70
C2 TC0 G . 17.22 16.60 -18.80
C3 TC0 G . 18.24 15.60 -18.96
N1 TC0 G . 19.27 15.47 -17.88
C4 TC0 G . 19.21 14.13 -17.24
C5 TC0 G . 20.27 13.93 -16.33
C6 TC0 G . 21.58 13.97 -16.75
C7 TC0 G . 22.63 13.75 -15.86
C10 TC0 G . 20.02 13.64 -14.99
C9 TC0 G . 21.07 13.43 -14.09
C8 TC0 G . 22.41 13.46 -14.52
N2 TC0 G . 23.53 13.28 -13.76
C11 TC0 G . 23.60 12.65 -12.56
C12 TC0 G . 22.69 12.15 -11.69
N4 TC0 G . 24.80 12.48 -12.03
N3 TC0 G . 24.71 11.92 -10.94
C13 TC0 G . 23.42 11.67 -10.67
C14 TC0 G . 22.98 11.07 -9.54
C19 TC0 G . 23.87 10.79 -8.48
C18 TC0 G . 23.46 10.17 -7.30
C15 TC0 G . 21.65 10.70 -9.34
C16 TC0 G . 21.23 10.07 -8.15
C17 TC0 G . 22.13 9.78 -7.12
C20 TC0 G . 21.72 9.19 -5.93
C21 TC0 G . 20.68 9.82 -5.25
C22 TC0 G . 20.19 9.34 -4.04
C23 TC0 G . 20.74 8.21 -3.48
O2 TC0 G . 20.23 7.77 -2.29
C24 TC0 G . 21.81 7.56 -4.13
C25 TC0 G . 22.29 8.05 -5.35
O1 TC0 G . 23.31 7.44 -6.00
CL CL H . 31.37 13.39 -17.27
C1 EDO I . 21.64 -20.85 -14.41
O1 EDO I . 23.03 -20.55 -14.40
C2 EDO I . 21.11 -20.81 -12.97
O2 EDO I . 22.07 -20.16 -12.13
C1 EDO J . 12.23 4.12 -19.31
O1 EDO J . 12.14 4.17 -20.74
C2 EDO J . 13.27 5.16 -18.87
O2 EDO J . 13.95 4.77 -17.68
#